data_8K09
#
_entry.id   8K09
#
_cell.length_a   60.270
_cell.length_b   88.180
_cell.length_c   164.510
_cell.angle_alpha   90.00
_cell.angle_beta   90.00
_cell.angle_gamma   90.00
#
_symmetry.space_group_name_H-M   'P 21 21 21'
#
loop_
_entity.id
_entity.type
_entity.pdbx_description
1 polymer Glycosyltransferase
2 non-polymer (2~{R},3~{S},4~{S},5~{R},6~{R})-2-(hydroxymethyl)-6-[[(3~{S},5~{R},8~{R},9~{R},10~{R},12~{R},13~{R},14~{R},17~{S})-17-[(2~{S})-2-[(2~{S},3~{R},4~{S},5~{S},6~{R})-6-(hydroxymethyl)-3,4,5-tris(oxidanyl)oxan-2-yl]oxy-6-methyl-hept-5-en-2-yl]-4,4,8,10,14-pentamethyl-12-oxidanyl-2,3,5,6,7,9,11,12,13,15,16,17-dodecahydro-1~{H}-cyclopenta[a]phenanthren-3-yl]oxy]oxane-3,4,5-triol
#
_entity_poly.entity_id   1
_entity_poly.type   'polypeptide(L)'
_entity_poly.pdbx_seq_one_letter_code
;MDNQKGRISIALLPFLAHGHISPFFELAKQLAKRNCNVFLCSTPINLSSIKDKDSSASIKLVELHLPSSPDLPPHYHTTN
GLPSHLMLPLRNAFETAGPTFSEILKTLNPDLLIYDFNPSWAPEIASSHNIPAVYFLTTAAASSSIGLHAFKNPGEKYPF
PDFYDNSNIIPEPPSADNMKLLHDFIACFERSCDIILIKSFRELEGKYIDLLSTLSDKTLVPVGPLVQDPMGHNEDPKTE
QIINWLDKRAESTVVFVCFGSEYFLSNEELEEVAIGLEISTVNFIWAVRLIEGEKKGILPEGFVQRVGDRGLVVEGWAPQ
ARILGHSSTGGFVSHCGWSSIAESMKFGVPVIAMARHLDQPLNGKLAAEVGVGMEVVRDENGKYKREGIAEVIRKVVVEK
SGEVIRRKARELSEKMKEKGEQEIDRAVEELVQICKKKKDEQENLYFQGHHHHHH
;
_entity_poly.pdbx_strand_id   C,A
#
# COMPACT_ATOMS: atom_id res chain seq x y z
N ILE A 8 6.64 -29.05 5.10
CA ILE A 8 5.56 -29.71 5.84
C ILE A 8 5.78 -29.57 7.34
N SER A 9 7.00 -29.88 7.79
CA SER A 9 7.34 -29.82 9.20
C SER A 9 7.81 -28.41 9.56
N ILE A 10 7.20 -27.85 10.59
CA ILE A 10 7.50 -26.49 11.04
C ILE A 10 7.98 -26.53 12.48
N ALA A 11 8.87 -25.60 12.83
CA ALA A 11 9.42 -25.47 14.17
C ALA A 11 9.19 -24.06 14.69
N LEU A 12 8.84 -23.96 15.96
CA LEU A 12 8.51 -22.68 16.60
C LEU A 12 9.35 -22.50 17.84
N LEU A 13 9.96 -21.33 17.98
CA LEU A 13 10.73 -20.96 19.17
C LEU A 13 10.18 -19.65 19.72
N PRO A 14 9.13 -19.72 20.54
CA PRO A 14 8.63 -18.49 21.18
C PRO A 14 9.58 -18.01 22.26
N PHE A 15 9.63 -16.70 22.43
CA PHE A 15 10.48 -16.11 23.46
C PHE A 15 9.99 -16.48 24.86
N LEU A 16 10.86 -16.30 25.84
CA LEU A 16 10.60 -16.71 27.22
C LEU A 16 9.71 -15.70 27.94
N ALA A 17 8.55 -15.46 27.34
CA ALA A 17 7.59 -14.52 27.88
C ALA A 17 6.19 -15.06 27.64
N HIS A 18 5.40 -15.11 28.71
CA HIS A 18 4.02 -15.58 28.59
C HIS A 18 3.19 -14.69 27.68
N GLY A 19 3.57 -13.41 27.55
CA GLY A 19 2.94 -12.55 26.56
C GLY A 19 3.24 -12.90 25.13
N HIS A 20 4.06 -13.94 24.92
CA HIS A 20 4.47 -14.35 23.55
C HIS A 20 4.18 -15.84 23.32
N ILE A 21 3.95 -16.61 24.39
CA ILE A 21 3.75 -18.05 24.23
C ILE A 21 2.37 -18.35 23.65
N SER A 22 1.35 -17.65 24.13
CA SER A 22 -0.02 -17.92 23.67
C SER A 22 -0.20 -17.71 22.17
N PRO A 23 0.29 -16.62 21.56
CA PRO A 23 0.18 -16.52 20.10
C PRO A 23 0.88 -17.65 19.37
N PHE A 24 2.07 -18.06 19.85
CA PHE A 24 2.78 -19.15 19.19
C PHE A 24 2.03 -20.47 19.33
N PHE A 25 1.43 -20.72 20.50
CA PHE A 25 0.70 -21.97 20.68
C PHE A 25 -0.59 -22.00 19.85
N GLU A 26 -1.30 -20.86 19.78
CA GLU A 26 -2.49 -20.82 18.94
C GLU A 26 -2.12 -20.95 17.46
N LEU A 27 -1.01 -20.34 17.05
CA LEU A 27 -0.54 -20.53 15.68
C LEU A 27 -0.17 -21.98 15.42
N ALA A 28 0.39 -22.66 16.43
CA ALA A 28 0.68 -24.09 16.31
C ALA A 28 -0.59 -24.88 16.07
N LYS A 29 -1.63 -24.60 16.87
CA LYS A 29 -2.91 -25.28 16.68
C LYS A 29 -3.48 -24.99 15.30
N GLN A 30 -3.29 -23.76 14.80
CA GLN A 30 -3.90 -23.39 13.52
C GLN A 30 -3.16 -24.02 12.34
N LEU A 31 -1.83 -24.09 12.42
CA LEU A 31 -1.07 -24.66 11.30
C LEU A 31 -1.08 -26.18 11.33
N ALA A 32 -1.13 -26.81 12.51
CA ALA A 32 -1.08 -28.26 12.58
C ALA A 32 -2.34 -28.90 12.04
N LYS A 33 -3.49 -28.22 12.17
CA LYS A 33 -4.76 -28.79 11.73
C LYS A 33 -4.94 -28.76 10.23
N ARG A 34 -4.10 -28.02 9.49
CA ARG A 34 -4.20 -27.93 8.05
C ARG A 34 -2.89 -28.34 7.40
N ASN A 35 -3.00 -28.97 6.22
CA ASN A 35 -1.86 -29.37 5.42
C ASN A 35 -0.95 -30.35 6.16
N CYS A 36 -1.52 -31.09 7.11
CA CYS A 36 -0.82 -32.09 7.92
C CYS A 36 0.58 -31.62 8.32
N ASN A 37 0.64 -30.42 8.89
CA ASN A 37 1.92 -29.82 9.27
C ASN A 37 2.49 -30.53 10.49
N VAL A 38 3.56 -31.30 10.27
CA VAL A 38 4.30 -31.90 11.37
C VAL A 38 4.88 -30.77 12.21
N PHE A 39 4.30 -30.53 13.38
CA PHE A 39 4.63 -29.35 14.15
C PHE A 39 5.57 -29.68 15.30
N LEU A 40 6.47 -28.75 15.60
CA LEU A 40 7.41 -28.86 16.70
C LEU A 40 7.51 -27.49 17.37
N CYS A 41 7.42 -27.46 18.70
CA CYS A 41 7.49 -26.21 19.45
C CYS A 41 8.55 -26.35 20.53
N SER A 42 9.52 -25.43 20.53
CA SER A 42 10.67 -25.51 21.41
C SER A 42 10.67 -24.34 22.39
N THR A 43 10.70 -24.66 23.68
CA THR A 43 10.79 -23.70 24.77
C THR A 43 11.00 -24.48 26.06
N PRO A 44 11.60 -23.84 27.08
CA PRO A 44 11.86 -24.56 28.34
C PRO A 44 10.62 -25.22 28.94
N ILE A 45 10.85 -26.22 29.80
CA ILE A 45 9.76 -27.02 30.34
C ILE A 45 8.82 -26.17 31.17
N ASN A 46 9.35 -25.16 31.86
CA ASN A 46 8.52 -24.31 32.71
C ASN A 46 7.44 -23.61 31.88
N LEU A 47 7.83 -23.03 30.74
CA LEU A 47 6.86 -22.37 29.87
C LEU A 47 6.09 -23.36 29.02
N SER A 48 6.52 -24.62 28.94
CA SER A 48 5.79 -25.63 28.18
C SER A 48 4.62 -26.20 28.99
N SER A 49 4.85 -26.51 30.26
CA SER A 49 3.85 -27.20 31.08
C SER A 49 2.70 -26.29 31.50
N ILE A 50 2.68 -25.02 31.09
CA ILE A 50 1.55 -24.17 31.40
C ILE A 50 0.42 -24.33 30.38
N LYS A 51 0.75 -24.69 29.14
CA LYS A 51 -0.25 -24.88 28.09
C LYS A 51 -0.41 -26.34 27.74
N ASP A 52 -0.62 -27.19 28.76
CA ASP A 52 -0.80 -28.63 28.55
C ASP A 52 -2.29 -28.91 28.38
N LYS A 53 -2.78 -28.61 27.17
CA LYS A 53 -4.19 -28.78 26.87
C LYS A 53 -4.38 -29.51 25.54
N ASP A 54 -5.21 -28.96 24.66
CA ASP A 54 -5.49 -29.58 23.37
C ASP A 54 -4.30 -29.45 22.43
N ALA A 57 -2.32 -32.24 18.32
CA ALA A 57 -1.88 -32.32 16.94
C ALA A 57 -0.44 -31.83 16.80
N SER A 58 0.00 -31.02 17.76
CA SER A 58 1.34 -30.46 17.76
C SER A 58 2.25 -31.25 18.69
N ILE A 59 3.55 -31.24 18.38
CA ILE A 59 4.57 -31.90 19.17
C ILE A 59 5.38 -30.84 19.89
N LYS A 60 5.63 -31.05 21.17
CA LYS A 60 6.35 -30.10 21.99
C LYS A 60 7.78 -30.58 22.24
N LEU A 61 8.65 -29.64 22.62
CA LEU A 61 10.05 -29.93 22.86
C LEU A 61 10.50 -29.30 24.17
N VAL A 62 11.50 -29.93 24.78
CA VAL A 62 12.08 -29.44 26.02
C VAL A 62 13.37 -28.69 25.70
N GLU A 63 13.89 -27.98 26.70
CA GLU A 63 15.13 -27.22 26.53
C GLU A 63 15.74 -26.98 27.90
N LEU A 64 16.98 -27.42 28.09
CA LEU A 64 17.69 -27.28 29.35
C LEU A 64 18.76 -26.22 29.20
N HIS A 65 18.69 -25.18 30.04
CA HIS A 65 19.69 -24.12 30.02
C HIS A 65 20.92 -24.56 30.81
N LEU A 66 21.99 -23.76 30.71
CA LEU A 66 23.26 -24.09 31.33
C LEU A 66 23.50 -23.18 32.53
N PRO A 67 23.57 -23.73 33.74
CA PRO A 67 23.86 -22.90 34.92
C PRO A 67 25.34 -22.52 34.98
N SER A 68 25.64 -21.62 35.91
CA SER A 68 27.02 -21.17 36.10
C SER A 68 27.85 -22.24 36.82
N ARG A 91 15.02 -11.03 30.18
CA ARG A 91 16.44 -10.87 30.46
C ARG A 91 16.95 -11.99 31.36
N ASN A 92 17.56 -13.01 30.76
CA ASN A 92 18.12 -14.12 31.52
C ASN A 92 19.23 -14.80 30.73
N ALA A 93 19.34 -16.12 30.85
CA ALA A 93 20.37 -16.88 30.16
C ALA A 93 19.91 -17.40 28.80
N PHE A 94 18.81 -16.86 28.27
CA PHE A 94 18.31 -17.33 26.98
C PHE A 94 19.29 -17.05 25.85
N GLU A 95 20.14 -16.03 26.00
CA GLU A 95 21.17 -15.76 25.01
C GLU A 95 22.29 -16.77 25.03
N THR A 96 22.26 -17.75 25.94
CA THR A 96 23.31 -18.76 26.05
C THR A 96 22.91 -20.13 25.54
N ALA A 97 21.61 -20.38 25.35
CA ALA A 97 21.12 -21.66 24.82
C ALA A 97 21.32 -21.80 23.32
N GLY A 98 22.40 -21.23 22.77
CA GLY A 98 22.69 -21.34 21.35
C GLY A 98 22.99 -22.75 20.90
N PRO A 99 24.06 -23.34 21.42
CA PRO A 99 24.40 -24.72 21.03
C PRO A 99 23.32 -25.73 21.37
N THR A 100 22.55 -25.50 22.43
CA THR A 100 21.43 -26.40 22.73
C THR A 100 20.41 -26.39 21.60
N PHE A 101 20.01 -25.20 21.15
CA PHE A 101 19.10 -25.10 20.02
C PHE A 101 19.74 -25.60 18.74
N SER A 102 21.06 -25.48 18.62
CA SER A 102 21.74 -26.01 17.44
C SER A 102 21.63 -27.53 17.40
N GLU A 103 21.86 -28.19 18.54
CA GLU A 103 21.68 -29.63 18.60
C GLU A 103 20.21 -30.03 18.39
N ILE A 104 19.29 -29.21 18.90
CA ILE A 104 17.87 -29.50 18.70
C ILE A 104 17.52 -29.43 17.22
N LEU A 105 18.04 -28.44 16.50
CA LEU A 105 17.78 -28.34 15.06
C LEU A 105 18.45 -29.46 14.29
N LYS A 106 19.69 -29.82 14.67
CA LYS A 106 20.35 -30.95 14.03
C LYS A 106 19.60 -32.25 14.26
N THR A 107 18.88 -32.34 15.38
CA THR A 107 18.04 -33.51 15.63
C THR A 107 16.80 -33.48 14.77
N LEU A 108 16.02 -32.41 14.86
CA LEU A 108 14.77 -32.31 14.11
C LEU A 108 15.04 -32.17 12.61
N ASN A 109 15.92 -31.25 12.24
CA ASN A 109 16.08 -30.80 10.87
C ASN A 109 14.73 -30.42 10.25
N PRO A 110 14.06 -29.41 10.79
CA PRO A 110 12.74 -29.04 10.28
C PRO A 110 12.83 -28.22 9.00
N ASP A 111 11.71 -28.17 8.28
CA ASP A 111 11.69 -27.45 7.01
C ASP A 111 11.75 -25.95 7.23
N LEU A 112 11.32 -25.47 8.41
CA LEU A 112 11.24 -24.04 8.64
C LEU A 112 11.19 -23.78 10.14
N LEU A 113 11.67 -22.60 10.52
CA LEU A 113 11.66 -22.17 11.92
C LEU A 113 10.96 -20.82 12.02
N ILE A 114 9.95 -20.74 12.87
CA ILE A 114 9.24 -19.50 13.15
C ILE A 114 9.69 -19.05 14.53
N TYR A 115 10.55 -18.03 14.56
CA TYR A 115 11.15 -17.53 15.79
C TYR A 115 10.43 -16.27 16.26
N ASP A 116 10.73 -15.87 17.49
CA ASP A 116 10.15 -14.66 18.06
C ASP A 116 11.02 -13.46 17.70
N PHE A 117 11.29 -12.58 18.66
CA PHE A 117 12.04 -11.36 18.36
C PHE A 117 13.31 -11.19 19.17
N ASN A 118 13.38 -11.76 20.37
CA ASN A 118 14.53 -11.56 21.25
C ASN A 118 15.51 -12.74 21.31
N PRO A 119 15.13 -13.97 20.88
CA PRO A 119 16.14 -15.04 20.75
C PRO A 119 17.46 -14.62 20.14
N SER A 120 17.42 -13.69 19.18
CA SER A 120 18.61 -13.13 18.54
C SER A 120 19.40 -14.16 17.74
N TRP A 121 19.73 -15.29 18.36
CA TRP A 121 20.51 -16.32 17.69
C TRP A 121 19.66 -17.35 16.95
N ALA A 122 18.33 -17.30 17.11
CA ALA A 122 17.48 -18.27 16.43
C ALA A 122 17.62 -18.22 14.91
N PRO A 123 17.56 -17.06 14.25
CA PRO A 123 17.84 -17.06 12.80
C PRO A 123 19.27 -17.44 12.47
N GLU A 124 20.24 -17.07 13.32
CA GLU A 124 21.63 -17.46 13.08
C GLU A 124 21.77 -18.98 13.08
N ILE A 125 21.22 -19.64 14.09
CA ILE A 125 21.31 -21.09 14.18
C ILE A 125 20.50 -21.75 13.07
N ALA A 126 19.37 -21.16 12.68
CA ALA A 126 18.60 -21.69 11.57
C ALA A 126 19.40 -21.62 10.27
N SER A 127 20.17 -20.55 10.10
CA SER A 127 21.01 -20.44 8.90
C SER A 127 22.19 -21.41 8.95
N SER A 128 22.76 -21.61 10.14
CA SER A 128 23.87 -22.54 10.29
C SER A 128 23.46 -23.97 9.97
N HIS A 129 22.16 -24.27 9.99
CA HIS A 129 21.64 -25.56 9.55
C HIS A 129 20.90 -25.46 8.22
N ASN A 130 21.01 -24.32 7.53
CA ASN A 130 20.36 -24.09 6.23
C ASN A 130 18.85 -24.26 6.34
N ILE A 131 18.27 -23.60 7.34
CA ILE A 131 16.84 -23.65 7.59
C ILE A 131 16.30 -22.23 7.44
N PRO A 132 15.26 -22.01 6.62
CA PRO A 132 14.70 -20.65 6.49
C PRO A 132 14.03 -20.23 7.77
N ALA A 133 14.30 -19.00 8.20
CA ALA A 133 13.78 -18.44 9.43
C ALA A 133 12.70 -17.40 9.11
N VAL A 134 11.50 -17.61 9.62
CA VAL A 134 10.37 -16.72 9.42
C VAL A 134 10.09 -16.00 10.73
N TYR A 135 10.03 -14.67 10.69
CA TYR A 135 9.80 -13.86 11.87
C TYR A 135 8.31 -13.67 12.11
N PHE A 136 7.88 -13.93 13.35
CA PHE A 136 6.50 -13.74 13.77
C PHE A 136 6.43 -12.52 14.68
N LEU A 137 5.61 -11.55 14.31
CA LEU A 137 5.42 -10.31 15.05
C LEU A 137 4.07 -10.38 15.75
N THR A 138 4.09 -10.47 17.08
CA THR A 138 2.88 -10.54 17.89
C THR A 138 2.35 -9.16 18.26
N THR A 139 2.66 -8.13 17.47
CA THR A 139 2.32 -6.76 17.80
C THR A 139 1.65 -6.12 16.59
N ALA A 140 0.99 -4.98 16.83
CA ALA A 140 0.35 -4.22 15.77
C ALA A 140 1.36 -3.82 14.69
N ALA A 141 0.84 -3.58 13.49
CA ALA A 141 1.71 -3.23 12.37
C ALA A 141 2.09 -1.75 12.38
N ALA A 142 1.25 -0.88 12.95
CA ALA A 142 1.56 0.54 12.95
C ALA A 142 2.67 0.86 13.95
N SER A 143 2.60 0.26 15.14
CA SER A 143 3.66 0.46 16.13
C SER A 143 5.01 0.01 15.59
N SER A 144 5.04 -1.10 14.86
CA SER A 144 6.27 -1.54 14.23
C SER A 144 6.65 -0.65 13.06
N SER A 145 5.65 -0.10 12.36
CA SER A 145 5.92 0.75 11.21
C SER A 145 6.62 2.04 11.63
N ILE A 146 6.23 2.60 12.78
CA ILE A 146 6.91 3.78 13.30
C ILE A 146 8.42 3.54 13.36
N GLY A 147 8.83 2.48 14.06
CA GLY A 147 10.24 2.22 14.23
C GLY A 147 10.94 1.80 12.96
N LEU A 148 10.32 0.92 12.18
CA LEU A 148 10.93 0.45 10.95
C LEU A 148 11.11 1.59 9.95
N HIS A 149 10.23 2.59 9.99
CA HIS A 149 10.38 3.74 9.12
C HIS A 149 11.39 4.74 9.67
N ALA A 150 11.51 4.82 11.00
CA ALA A 150 12.59 5.62 11.59
C ALA A 150 13.95 5.01 11.28
N PHE A 151 14.01 3.70 11.05
CA PHE A 151 15.26 3.03 10.71
C PHE A 151 15.54 3.02 9.21
N LYS A 152 14.65 2.38 8.44
CA LYS A 152 14.86 2.25 7.00
C LYS A 152 14.86 3.60 6.29
N ASN A 153 14.33 4.64 6.91
CA ASN A 153 14.29 5.97 6.31
C ASN A 153 14.68 7.02 7.33
N PRO A 154 15.98 7.28 7.49
CA PRO A 154 16.41 8.54 8.11
C PRO A 154 16.13 9.74 7.20
N GLY A 155 15.56 9.51 6.03
CA GLY A 155 14.76 10.51 5.38
C GLY A 155 13.43 10.76 6.06
N GLU A 156 13.12 9.96 7.09
CA GLU A 156 12.03 10.17 8.05
C GLU A 156 10.72 10.30 7.26
N LYS A 157 9.90 11.33 7.50
CA LYS A 157 8.60 11.48 6.85
C LYS A 157 7.65 10.37 7.31
N TYR A 158 6.34 10.54 7.16
CA TYR A 158 5.46 9.42 7.45
C TYR A 158 4.23 9.46 6.54
N PRO A 159 3.97 8.41 5.78
CA PRO A 159 2.86 8.45 4.81
C PRO A 159 1.48 8.59 5.44
N PHE A 160 1.33 8.25 6.72
CA PHE A 160 0.04 8.33 7.42
C PHE A 160 0.26 9.14 8.68
N PRO A 161 0.37 10.46 8.56
CA PRO A 161 0.79 11.31 9.68
C PRO A 161 -0.32 11.72 10.64
N ASP A 162 -1.57 11.30 10.43
CA ASP A 162 -2.57 11.43 11.48
C ASP A 162 -2.19 10.60 12.70
N PHE A 163 -1.23 9.70 12.56
CA PHE A 163 -0.65 8.90 13.64
C PHE A 163 0.51 9.65 14.28
N TYR A 164 1.68 9.56 13.65
CA TYR A 164 2.89 10.21 14.11
C TYR A 164 3.24 11.37 13.19
N ASP A 165 3.59 12.50 13.78
CA ASP A 165 3.97 13.71 13.05
C ASP A 165 5.41 14.08 13.38
N ASN A 166 5.88 15.15 12.75
CA ASN A 166 7.22 15.66 13.01
C ASN A 166 7.15 16.86 13.96
N SER A 167 8.15 17.73 13.90
CA SER A 167 8.21 18.94 14.72
C SER A 167 8.21 18.63 16.21
N ASN A 168 8.70 17.45 16.58
CA ASN A 168 8.85 17.05 17.97
C ASN A 168 10.31 16.75 18.27
N ILE A 169 10.64 16.72 19.57
CA ILE A 169 12.01 16.51 20.01
C ILE A 169 12.00 15.51 21.15
N ILE A 170 12.96 14.58 21.12
CA ILE A 170 13.09 13.49 22.07
C ILE A 170 14.58 13.22 22.26
N PRO A 171 15.00 12.26 23.12
CA PRO A 171 16.42 11.93 23.07
C PRO A 171 16.83 11.25 21.76
N SER A 175 18.19 5.04 28.26
CA SER A 175 17.70 4.95 26.86
C SER A 175 18.47 3.86 26.11
N ALA A 176 19.67 3.51 26.58
CA ALA A 176 20.43 2.41 25.95
C ALA A 176 19.42 1.29 26.12
N ASP A 177 18.55 1.35 27.13
CA ASP A 177 17.49 0.31 27.26
C ASP A 177 16.75 0.21 25.93
N ASN A 178 16.06 1.27 25.53
CA ASN A 178 15.41 1.30 24.20
C ASN A 178 16.26 1.12 22.93
N MET A 179 17.53 1.54 22.96
CA MET A 179 18.43 1.34 21.78
C MET A 179 18.55 -0.17 21.51
N LYS A 180 18.86 -0.96 22.54
CA LYS A 180 18.97 -2.43 22.39
C LYS A 180 17.65 -2.96 21.85
N LEU A 181 16.53 -2.49 22.40
CA LEU A 181 15.21 -3.02 21.97
C LEU A 181 15.05 -2.77 20.48
N LEU A 182 15.33 -1.55 20.02
CA LEU A 182 15.13 -1.20 18.60
C LEU A 182 16.09 -2.01 17.72
N HIS A 183 17.30 -2.27 18.20
CA HIS A 183 18.20 -3.14 17.40
C HIS A 183 17.57 -4.53 17.32
N ASP A 184 17.20 -5.11 18.46
CA ASP A 184 16.54 -6.41 18.37
C ASP A 184 15.32 -6.36 17.46
N PHE A 185 14.69 -5.19 17.32
CA PHE A 185 13.49 -5.08 16.51
C PHE A 185 13.81 -5.10 15.02
N ILE A 186 14.79 -4.31 14.59
CA ILE A 186 15.12 -4.25 13.17
C ILE A 186 15.74 -5.57 12.72
N ALA A 187 16.60 -6.17 13.55
CA ALA A 187 17.31 -7.38 13.15
C ALA A 187 16.34 -8.50 12.80
N CYS A 188 15.44 -8.83 13.73
CA CYS A 188 14.46 -9.87 13.45
C CYS A 188 13.54 -9.50 12.29
N PHE A 189 13.45 -8.22 11.93
CA PHE A 189 12.68 -7.83 10.75
C PHE A 189 13.46 -8.10 9.47
N GLU A 190 14.79 -7.99 9.52
CA GLU A 190 15.60 -8.24 8.34
C GLU A 190 15.92 -9.72 8.17
N ARG A 191 16.04 -10.45 9.28
CA ARG A 191 16.42 -11.86 9.21
C ARG A 191 15.34 -12.73 8.60
N SER A 192 14.08 -12.29 8.63
CA SER A 192 13.00 -13.09 8.08
C SER A 192 13.19 -13.33 6.59
N CYS A 193 12.75 -14.49 6.12
CA CYS A 193 12.94 -14.90 4.75
C CYS A 193 11.66 -14.60 3.95
N ASP A 194 11.74 -13.62 3.05
CA ASP A 194 10.68 -13.29 2.10
C ASP A 194 9.40 -12.79 2.77
N ILE A 195 8.87 -13.54 3.73
CA ILE A 195 7.61 -13.19 4.37
C ILE A 195 7.84 -12.96 5.86
N ILE A 196 6.92 -12.19 6.46
CA ILE A 196 6.96 -11.87 7.89
C ILE A 196 5.56 -12.09 8.43
N LEU A 197 5.39 -13.11 9.26
CA LEU A 197 4.08 -13.38 9.85
C LEU A 197 3.77 -12.34 10.91
N ILE A 198 2.48 -12.00 11.03
CA ILE A 198 2.05 -10.97 11.98
C ILE A 198 0.69 -11.36 12.55
N LYS A 199 0.55 -11.20 13.87
CA LYS A 199 -0.72 -11.48 14.56
C LYS A 199 -1.62 -10.25 14.43
N SER A 200 -2.14 -10.07 13.21
CA SER A 200 -3.03 -8.96 12.91
C SER A 200 -3.82 -9.32 11.66
N PHE A 201 -4.68 -8.40 11.24
CA PHE A 201 -5.54 -8.62 10.09
C PHE A 201 -5.69 -7.33 9.30
N ARG A 202 -6.11 -7.46 8.05
CA ARG A 202 -6.18 -6.32 7.15
C ARG A 202 -7.29 -5.35 7.55
N GLU A 203 -8.39 -5.85 8.11
CA GLU A 203 -9.53 -5.01 8.41
C GLU A 203 -9.21 -3.90 9.40
N LEU A 204 -8.17 -4.07 10.22
CA LEU A 204 -7.78 -3.06 11.19
C LEU A 204 -6.68 -2.12 10.68
N GLU A 205 -5.69 -2.64 9.97
CA GLU A 205 -4.58 -1.83 9.54
C GLU A 205 -3.86 -2.41 8.32
N GLY A 206 -4.63 -2.70 7.26
CA GLY A 206 -3.99 -3.14 6.03
C GLY A 206 -3.15 -2.07 5.39
N LYS A 207 -3.53 -0.80 5.58
CA LYS A 207 -2.69 0.31 5.16
C LYS A 207 -1.29 0.21 5.78
N TYR A 208 -1.23 0.06 7.10
CA TYR A 208 0.07 -0.05 7.77
C TYR A 208 0.76 -1.37 7.45
N ILE A 209 -0.01 -2.43 7.17
CA ILE A 209 0.58 -3.70 6.78
C ILE A 209 1.33 -3.55 5.45
N ASP A 210 0.69 -2.90 4.48
CA ASP A 210 1.36 -2.66 3.20
C ASP A 210 2.52 -1.68 3.35
N LEU A 211 2.40 -0.70 4.26
CA LEU A 211 3.55 0.15 4.55
C LEU A 211 4.72 -0.67 5.06
N LEU A 212 4.46 -1.59 6.00
CA LEU A 212 5.52 -2.43 6.53
C LEU A 212 6.12 -3.32 5.44
N SER A 213 5.27 -3.82 4.54
CA SER A 213 5.76 -4.63 3.42
C SER A 213 6.71 -3.83 2.55
N THR A 214 6.31 -2.62 2.16
CA THR A 214 7.15 -1.79 1.31
C THR A 214 8.39 -1.27 2.04
N LEU A 215 8.35 -1.21 3.37
CA LEU A 215 9.51 -0.74 4.13
C LEU A 215 10.55 -1.84 4.31
N SER A 216 10.11 -3.04 4.71
CA SER A 216 11.03 -4.13 5.00
C SER A 216 11.38 -4.96 3.76
N ASP A 217 10.72 -4.70 2.62
CA ASP A 217 10.90 -5.48 1.40
C ASP A 217 10.53 -6.95 1.59
N LYS A 218 9.67 -7.24 2.57
CA LYS A 218 9.16 -8.58 2.80
C LYS A 218 7.64 -8.59 2.66
N THR A 219 7.10 -9.76 2.32
CA THR A 219 5.65 -9.91 2.12
C THR A 219 5.00 -10.17 3.48
N LEU A 220 4.36 -9.15 4.03
CA LEU A 220 3.69 -9.29 5.32
C LEU A 220 2.44 -10.15 5.15
N VAL A 221 2.46 -11.34 5.75
CA VAL A 221 1.35 -12.29 5.66
C VAL A 221 0.62 -12.27 7.00
N PRO A 222 -0.61 -11.78 7.06
CA PRO A 222 -1.35 -11.81 8.32
C PRO A 222 -1.96 -13.17 8.61
N VAL A 223 -1.99 -13.50 9.90
CA VAL A 223 -2.60 -14.72 10.39
C VAL A 223 -3.79 -14.44 11.29
N GLY A 224 -4.29 -13.21 11.30
CA GLY A 224 -5.39 -12.83 12.14
C GLY A 224 -5.01 -12.84 13.61
N PRO A 225 -5.99 -12.66 14.49
CA PRO A 225 -5.73 -12.79 15.92
C PRO A 225 -5.61 -14.25 16.32
N LEU A 226 -5.16 -14.48 17.55
CA LEU A 226 -4.96 -15.82 18.08
C LEU A 226 -5.57 -15.86 19.47
N VAL A 227 -6.87 -16.13 19.53
CA VAL A 227 -7.64 -16.11 20.76
C VAL A 227 -7.82 -17.53 21.25
N GLN A 228 -7.42 -17.77 22.50
CA GLN A 228 -7.58 -19.09 23.10
C GLN A 228 -9.03 -19.30 23.54
N ASP A 229 -9.36 -20.57 23.78
CA ASP A 229 -10.69 -20.96 24.24
C ASP A 229 -11.78 -20.47 23.29
N THR A 239 -15.51 -18.53 39.65
CA THR A 239 -15.43 -19.43 38.52
C THR A 239 -16.72 -19.43 37.70
N GLU A 240 -17.84 -19.74 38.36
CA GLU A 240 -19.15 -19.69 37.72
C GLU A 240 -20.01 -18.53 38.21
N GLN A 241 -19.63 -17.87 39.30
CA GLN A 241 -20.41 -16.73 39.79
C GLN A 241 -20.42 -15.60 38.77
N ILE A 242 -19.31 -15.42 38.05
CA ILE A 242 -19.24 -14.37 37.04
C ILE A 242 -20.27 -14.62 35.94
N ILE A 243 -20.35 -15.86 35.46
CA ILE A 243 -21.34 -16.20 34.43
C ILE A 243 -22.75 -16.05 34.98
N ASN A 244 -22.98 -16.54 36.20
CA ASN A 244 -24.32 -16.46 36.79
C ASN A 244 -24.78 -15.01 36.92
N TRP A 245 -23.84 -14.10 37.22
CA TRP A 245 -24.21 -12.69 37.34
C TRP A 245 -24.37 -12.03 35.97
N LEU A 246 -23.53 -12.40 35.01
CA LEU A 246 -23.58 -11.75 33.70
C LEU A 246 -24.80 -12.18 32.90
N ASP A 247 -25.31 -13.39 33.13
CA ASP A 247 -26.48 -13.85 32.38
C ASP A 247 -27.74 -13.10 32.78
N LYS A 248 -27.82 -12.64 34.04
CA LYS A 248 -29.01 -12.00 34.56
C LYS A 248 -29.12 -10.52 34.16
N ARG A 249 -28.36 -10.08 33.17
CA ARG A 249 -28.35 -8.69 32.72
C ARG A 249 -28.94 -8.57 31.33
N ALA A 250 -29.24 -7.34 30.94
CA ALA A 250 -29.73 -7.06 29.60
C ALA A 250 -28.59 -7.17 28.58
N GLU A 251 -28.97 -7.15 27.31
CA GLU A 251 -28.01 -7.36 26.23
C GLU A 251 -27.22 -6.08 25.96
N SER A 252 -25.89 -6.22 25.93
CA SER A 252 -24.97 -5.13 25.57
C SER A 252 -25.14 -3.92 26.49
N THR A 253 -25.13 -4.20 27.80
CA THR A 253 -25.25 -3.16 28.81
C THR A 253 -24.16 -3.23 29.87
N VAL A 254 -23.15 -4.07 29.68
CA VAL A 254 -22.10 -4.28 30.68
C VAL A 254 -20.77 -3.89 30.07
N VAL A 255 -19.93 -3.23 30.89
CA VAL A 255 -18.61 -2.76 30.48
C VAL A 255 -17.57 -3.56 31.24
N PHE A 256 -16.62 -4.15 30.51
CA PHE A 256 -15.53 -4.90 31.10
C PHE A 256 -14.31 -4.00 31.27
N VAL A 257 -13.63 -4.15 32.40
CA VAL A 257 -12.47 -3.33 32.74
C VAL A 257 -11.32 -4.26 33.13
N CYS A 258 -10.17 -4.05 32.50
CA CYS A 258 -8.97 -4.82 32.83
C CYS A 258 -7.74 -3.99 32.47
N PHE A 259 -7.71 -2.74 32.92
CA PHE A 259 -6.58 -1.86 32.64
C PHE A 259 -5.30 -2.35 33.31
N GLY A 260 -5.44 -3.08 34.42
CA GLY A 260 -4.28 -3.67 35.06
C GLY A 260 -3.52 -4.60 34.14
N SER A 261 -4.08 -5.77 33.88
CA SER A 261 -3.50 -6.75 32.96
C SER A 261 -2.06 -7.09 33.33
N GLU A 262 -1.81 -7.25 34.63
CA GLU A 262 -0.50 -7.68 35.14
C GLU A 262 0.61 -6.68 34.78
N TYR A 263 0.31 -5.39 34.93
CA TYR A 263 1.33 -4.36 34.71
C TYR A 263 1.39 -3.41 35.90
N PHE A 264 0.77 -2.24 35.79
CA PHE A 264 0.80 -1.26 36.86
C PHE A 264 -0.62 -0.84 37.24
N LEU A 265 -0.82 -0.58 38.54
CA LEU A 265 -2.11 -0.19 39.08
C LEU A 265 -1.95 0.35 40.50
N SER A 266 -1.96 1.67 40.64
CA SER A 266 -1.77 2.30 41.94
C SER A 266 -3.12 2.55 42.62
N ASN A 267 -3.08 2.68 43.95
CA ASN A 267 -4.30 2.85 44.72
C ASN A 267 -5.01 4.16 44.39
N GLU A 268 -4.24 5.23 44.13
CA GLU A 268 -4.84 6.48 43.70
C GLU A 268 -5.48 6.33 42.31
N GLU A 269 -4.79 5.65 41.40
CA GLU A 269 -5.38 5.35 40.10
C GLU A 269 -6.56 4.40 40.25
N LEU A 270 -6.49 3.46 41.21
CA LEU A 270 -7.64 2.64 41.55
C LEU A 270 -8.84 3.51 41.91
N GLU A 271 -8.61 4.50 42.77
CA GLU A 271 -9.69 5.39 43.19
C GLU A 271 -10.24 6.19 42.01
N GLU A 272 -9.35 6.70 41.15
CA GLU A 272 -9.80 7.47 40.00
C GLU A 272 -10.68 6.64 39.07
N VAL A 273 -10.20 5.45 38.71
CA VAL A 273 -10.98 4.61 37.79
C VAL A 273 -12.26 4.12 38.46
N ALA A 274 -12.24 3.93 39.79
CA ALA A 274 -13.46 3.50 40.48
C ALA A 274 -14.51 4.60 40.48
N ILE A 275 -14.10 5.84 40.75
CA ILE A 275 -15.06 6.94 40.70
C ILE A 275 -15.56 7.16 39.27
N GLY A 276 -14.68 6.96 38.28
CA GLY A 276 -15.14 7.02 36.90
C GLY A 276 -16.20 5.98 36.60
N LEU A 277 -15.96 4.74 37.03
CA LEU A 277 -16.96 3.68 36.85
C LEU A 277 -18.26 4.00 37.57
N GLU A 278 -18.15 4.58 38.77
CA GLU A 278 -19.35 4.87 39.59
C GLU A 278 -20.19 5.95 38.93
N ILE A 279 -19.57 7.10 38.60
CA ILE A 279 -20.36 8.24 38.05
C ILE A 279 -20.77 7.94 36.60
N SER A 280 -20.43 6.74 36.10
CA SER A 280 -20.89 6.34 34.74
C SER A 280 -22.30 5.74 34.87
N THR A 281 -22.70 5.38 36.10
CA THR A 281 -24.04 4.76 36.35
C THR A 281 -24.28 3.62 35.36
N VAL A 282 -23.35 2.67 35.28
CA VAL A 282 -23.47 1.57 34.27
C VAL A 282 -23.03 0.24 34.91
N ASN A 283 -23.51 -0.88 34.38
CA ASN A 283 -23.08 -2.19 34.86
C ASN A 283 -21.67 -2.47 34.37
N PHE A 284 -20.81 -2.95 35.27
CA PHE A 284 -19.41 -3.14 34.93
C PHE A 284 -18.82 -4.33 35.67
N ILE A 285 -17.87 -4.98 35.03
CA ILE A 285 -17.09 -6.07 35.63
C ILE A 285 -15.62 -5.68 35.50
N TRP A 286 -14.99 -5.39 36.64
CA TRP A 286 -13.63 -4.88 36.67
C TRP A 286 -12.71 -5.90 37.34
N ALA A 287 -11.64 -6.26 36.65
CA ALA A 287 -10.63 -7.18 37.18
C ALA A 287 -9.40 -6.38 37.59
N VAL A 288 -8.99 -6.52 38.84
CA VAL A 288 -7.86 -5.78 39.38
C VAL A 288 -6.70 -6.75 39.56
N ARG A 289 -5.49 -6.19 39.72
CA ARG A 289 -4.32 -7.03 39.98
C ARG A 289 -4.37 -7.58 41.41
N LEU A 290 -4.57 -6.72 42.39
CA LEU A 290 -4.59 -7.13 43.79
C LEU A 290 -5.67 -6.40 44.57
N PRO A 300 -10.54 2.87 51.29
CA PRO A 300 -9.20 3.02 50.69
C PRO A 300 -9.22 2.84 49.18
N GLU A 301 -9.42 1.61 48.72
CA GLU A 301 -9.56 1.32 47.30
C GLU A 301 -11.00 1.40 46.81
N GLY A 302 -11.91 1.90 47.64
CA GLY A 302 -13.31 2.04 47.31
C GLY A 302 -14.17 1.42 48.37
N PHE A 303 -15.42 1.12 47.98
CA PHE A 303 -16.39 0.50 48.88
C PHE A 303 -17.29 -0.40 48.02
N VAL A 304 -16.82 -1.63 47.79
CA VAL A 304 -17.53 -2.53 46.90
C VAL A 304 -18.84 -3.00 47.52
N GLN A 305 -18.93 -3.02 48.85
CA GLN A 305 -20.20 -3.35 49.50
C GLN A 305 -21.27 -2.31 49.24
N ARG A 306 -20.92 -1.14 48.72
CA ARG A 306 -21.86 -0.05 48.49
C ARG A 306 -22.48 -0.11 47.10
N VAL A 307 -21.65 -0.09 46.05
CA VAL A 307 -22.17 -0.17 44.69
C VAL A 307 -22.01 -1.60 44.17
N GLY A 308 -22.37 -2.58 45.03
CA GLY A 308 -22.34 -3.97 44.61
C GLY A 308 -23.50 -4.32 43.69
N ASP A 309 -23.36 -5.46 43.00
CA ASP A 309 -24.40 -6.06 42.18
C ASP A 309 -24.77 -5.20 40.96
N ARG A 310 -24.68 -3.88 41.08
CA ARG A 310 -24.66 -3.07 39.87
C ARG A 310 -23.35 -3.26 39.13
N GLY A 311 -22.30 -3.69 39.83
CA GLY A 311 -21.03 -4.05 39.25
C GLY A 311 -20.49 -5.33 39.89
N LEU A 312 -19.25 -5.70 39.57
CA LEU A 312 -18.64 -6.91 40.10
C LEU A 312 -17.13 -6.80 39.92
N VAL A 313 -16.40 -7.16 40.96
CA VAL A 313 -14.94 -7.07 40.98
C VAL A 313 -14.36 -8.47 41.17
N VAL A 314 -13.24 -8.74 40.51
CA VAL A 314 -12.52 -10.00 40.61
C VAL A 314 -11.09 -9.70 41.02
N GLU A 315 -10.52 -10.56 41.87
CA GLU A 315 -9.18 -10.31 42.38
C GLU A 315 -8.08 -10.66 41.39
N GLY A 316 -8.28 -11.69 40.57
CA GLY A 316 -7.21 -12.14 39.69
C GLY A 316 -7.62 -12.43 38.26
N TRP A 317 -7.79 -13.71 37.95
CA TRP A 317 -8.00 -14.15 36.58
C TRP A 317 -9.49 -14.20 36.27
N ALA A 318 -9.90 -13.51 35.21
CA ALA A 318 -11.28 -13.45 34.77
C ALA A 318 -11.44 -14.11 33.40
N PRO A 319 -12.62 -14.64 33.09
CA PRO A 319 -12.84 -15.20 31.75
C PRO A 319 -12.94 -14.12 30.70
N GLN A 320 -11.81 -13.49 30.37
CA GLN A 320 -11.81 -12.34 29.48
C GLN A 320 -12.44 -12.68 28.13
N ALA A 321 -12.00 -13.79 27.52
CA ALA A 321 -12.59 -14.19 26.25
C ALA A 321 -14.07 -14.51 26.40
N ARG A 322 -14.44 -15.22 27.48
CA ARG A 322 -15.84 -15.58 27.69
C ARG A 322 -16.69 -14.36 28.04
N ILE A 323 -16.11 -13.39 28.75
CA ILE A 323 -16.87 -12.18 29.09
C ILE A 323 -17.09 -11.33 27.84
N LEU A 324 -16.02 -11.12 27.05
CA LEU A 324 -16.16 -10.34 25.83
C LEU A 324 -17.08 -11.02 24.81
N GLY A 325 -17.10 -12.36 24.81
CA GLY A 325 -17.97 -13.07 23.88
C GLY A 325 -19.43 -13.11 24.29
N HIS A 326 -19.72 -12.78 25.53
CA HIS A 326 -21.09 -12.79 26.00
C HIS A 326 -21.90 -11.69 25.33
N SER A 327 -23.16 -12.00 25.03
CA SER A 327 -24.01 -11.05 24.31
C SER A 327 -24.41 -9.86 25.15
N SER A 328 -24.25 -9.95 26.48
CA SER A 328 -24.60 -8.85 27.38
C SER A 328 -23.47 -7.85 27.56
N THR A 329 -22.31 -8.09 26.95
CA THR A 329 -21.17 -7.18 27.05
C THR A 329 -21.17 -6.23 25.87
N GLY A 330 -20.84 -4.97 26.13
CA GLY A 330 -20.76 -3.98 25.08
C GLY A 330 -19.72 -2.90 25.35
N GLY A 331 -18.75 -3.22 26.20
CA GLY A 331 -17.72 -2.25 26.54
C GLY A 331 -16.50 -2.95 27.10
N PHE A 332 -15.32 -2.40 26.79
CA PHE A 332 -14.06 -2.94 27.30
C PHE A 332 -13.13 -1.77 27.57
N VAL A 333 -12.92 -1.47 28.84
CA VAL A 333 -11.95 -0.45 29.26
C VAL A 333 -10.60 -1.16 29.37
N SER A 334 -9.74 -0.94 28.38
CA SER A 334 -8.52 -1.71 28.25
C SER A 334 -7.28 -0.84 28.39
N HIS A 335 -6.16 -1.50 28.66
CA HIS A 335 -4.85 -0.85 28.70
C HIS A 335 -4.22 -0.75 27.33
N CYS A 336 -4.92 -1.20 26.28
CA CYS A 336 -4.46 -1.14 24.89
C CYS A 336 -3.29 -2.08 24.62
N GLY A 337 -3.21 -3.19 25.34
CA GLY A 337 -2.33 -4.26 24.92
C GLY A 337 -2.82 -4.89 23.64
N TRP A 338 -1.87 -5.43 22.86
CA TRP A 338 -2.23 -5.89 21.52
C TRP A 338 -3.13 -7.12 21.57
N SER A 339 -2.80 -8.09 22.42
CA SER A 339 -3.64 -9.27 22.54
C SER A 339 -5.02 -8.89 23.04
N SER A 340 -5.11 -7.92 23.96
CA SER A 340 -6.39 -7.48 24.48
C SER A 340 -7.25 -6.87 23.37
N ILE A 341 -6.66 -6.05 22.51
CA ILE A 341 -7.42 -5.43 21.42
C ILE A 341 -7.81 -6.49 20.39
N ALA A 342 -6.91 -7.43 20.11
CA ALA A 342 -7.22 -8.50 19.16
C ALA A 342 -8.39 -9.35 19.66
N GLU A 343 -8.47 -9.56 20.98
CA GLU A 343 -9.61 -10.28 21.52
C GLU A 343 -10.87 -9.42 21.51
N SER A 344 -10.72 -8.12 21.81
CA SER A 344 -11.90 -7.26 21.93
C SER A 344 -12.59 -7.07 20.58
N MET A 345 -11.81 -6.83 19.53
CA MET A 345 -12.41 -6.58 18.22
C MET A 345 -12.95 -7.85 17.58
N LYS A 346 -12.59 -9.03 18.10
CA LYS A 346 -13.11 -10.27 17.54
C LYS A 346 -14.56 -10.50 17.95
N PHE A 347 -14.97 -9.94 19.08
CA PHE A 347 -16.32 -10.15 19.60
C PHE A 347 -17.20 -8.91 19.48
N GLY A 348 -16.77 -7.91 18.71
CA GLY A 348 -17.59 -6.73 18.51
C GLY A 348 -17.78 -5.88 19.74
N VAL A 349 -16.75 -5.72 20.54
CA VAL A 349 -16.80 -4.94 21.78
C VAL A 349 -15.97 -3.68 21.57
N PRO A 350 -16.57 -2.49 21.68
CA PRO A 350 -15.78 -1.25 21.54
C PRO A 350 -14.75 -1.12 22.66
N VAL A 351 -13.80 -0.22 22.43
CA VAL A 351 -12.59 -0.14 23.25
C VAL A 351 -12.51 1.26 23.88
N ILE A 352 -12.62 1.30 25.20
CA ILE A 352 -12.26 2.49 25.98
C ILE A 352 -10.76 2.43 26.21
N ALA A 353 -10.03 3.33 25.54
CA ALA A 353 -8.57 3.30 25.52
C ALA A 353 -8.02 4.07 26.73
N MET A 354 -7.42 3.35 27.66
CA MET A 354 -6.67 3.93 28.77
C MET A 354 -5.23 3.42 28.63
N ALA A 355 -4.48 4.07 27.76
CA ALA A 355 -3.10 3.68 27.50
C ALA A 355 -2.15 4.37 28.47
N ARG A 356 -0.88 3.96 28.42
CA ARG A 356 0.12 4.55 29.30
C ARG A 356 1.52 4.47 28.70
N HIS A 357 2.11 3.27 28.70
CA HIS A 357 3.48 3.08 28.29
C HIS A 357 3.58 2.09 27.13
N LEU A 358 4.76 2.06 26.52
CA LEU A 358 5.14 1.10 25.47
C LEU A 358 4.25 1.34 24.23
N ASP A 359 3.91 0.27 23.52
CA ASP A 359 3.15 0.34 22.28
C ASP A 359 1.66 0.57 22.48
N GLN A 360 1.21 0.64 23.73
CA GLN A 360 -0.22 0.75 24.02
C GLN A 360 -0.84 2.06 23.53
N PRO A 361 -0.19 3.24 23.71
CA PRO A 361 -0.77 4.46 23.14
C PRO A 361 -0.97 4.40 21.63
N LEU A 362 -0.03 3.78 20.90
CA LEU A 362 -0.16 3.68 19.46
C LEU A 362 -1.31 2.76 19.08
N ASN A 363 -1.45 1.64 19.79
CA ASN A 363 -2.60 0.75 19.56
C ASN A 363 -3.91 1.48 19.83
N GLY A 364 -3.97 2.24 20.91
CA GLY A 364 -5.19 2.96 21.24
C GLY A 364 -5.55 4.01 20.21
N LYS A 365 -4.55 4.77 19.74
CA LYS A 365 -4.86 5.78 18.74
C LYS A 365 -5.16 5.16 17.37
N LEU A 366 -4.61 3.98 17.09
CA LEU A 366 -5.04 3.25 15.90
C LEU A 366 -6.50 2.84 16.00
N ALA A 367 -6.90 2.32 17.17
CA ALA A 367 -8.30 1.97 17.37
C ALA A 367 -9.20 3.19 17.26
N ALA A 368 -8.74 4.34 17.75
CA ALA A 368 -9.52 5.56 17.60
C ALA A 368 -9.57 6.03 16.15
N GLU A 369 -8.50 5.79 15.39
CA GLU A 369 -8.47 6.16 13.98
C GLU A 369 -9.46 5.33 13.18
N VAL A 370 -9.49 4.02 13.41
CA VAL A 370 -10.44 3.17 12.70
C VAL A 370 -11.86 3.31 13.23
N GLY A 371 -12.06 4.04 14.31
CA GLY A 371 -13.40 4.34 14.79
C GLY A 371 -14.11 3.20 15.49
N VAL A 372 -13.39 2.38 16.25
CA VAL A 372 -13.99 1.30 17.02
C VAL A 372 -13.84 1.54 18.52
N GLY A 373 -13.44 2.73 18.93
CA GLY A 373 -13.29 3.03 20.34
C GLY A 373 -12.99 4.50 20.54
N MET A 374 -12.62 4.83 21.78
CA MET A 374 -12.30 6.22 22.09
C MET A 374 -11.40 6.26 23.31
N GLU A 375 -10.53 7.27 23.35
CA GLU A 375 -9.53 7.42 24.40
C GLU A 375 -10.00 8.41 25.45
N VAL A 376 -9.47 8.25 26.66
CA VAL A 376 -9.75 9.18 27.75
C VAL A 376 -8.91 10.43 27.57
N VAL A 377 -9.46 11.57 27.99
CA VAL A 377 -8.76 12.85 27.93
C VAL A 377 -8.03 13.05 29.25
N ARG A 378 -6.70 12.98 29.21
CA ARG A 378 -5.91 13.18 30.42
C ARG A 378 -6.06 14.61 30.92
N ASP A 379 -5.96 14.76 32.25
CA ASP A 379 -6.13 16.05 32.88
C ASP A 379 -4.91 16.94 32.60
N GLU A 380 -4.82 18.07 33.31
CA GLU A 380 -3.75 19.02 33.06
C GLU A 380 -2.37 18.45 33.36
N ASN A 381 -2.28 17.56 34.35
CA ASN A 381 -1.00 16.95 34.74
C ASN A 381 -0.79 15.59 34.10
N GLY A 382 -1.39 15.35 32.93
CA GLY A 382 -1.21 14.11 32.21
C GLY A 382 -1.64 12.87 32.97
N LYS A 383 -2.86 12.90 33.51
CA LYS A 383 -3.39 11.78 34.27
C LYS A 383 -4.88 11.68 34.02
N TYR A 384 -5.37 10.47 33.76
CA TYR A 384 -6.79 10.26 33.54
C TYR A 384 -7.58 10.58 34.81
N LYS A 385 -8.72 11.22 34.64
CA LYS A 385 -9.53 11.71 35.75
C LYS A 385 -10.88 11.01 35.75
N ARG A 386 -11.57 11.11 36.89
CA ARG A 386 -12.91 10.53 37.02
C ARG A 386 -13.82 10.95 35.87
N GLU A 387 -13.89 12.26 35.62
CA GLU A 387 -14.74 12.75 34.53
C GLU A 387 -14.17 12.36 33.18
N GLY A 388 -12.85 12.41 33.02
CA GLY A 388 -12.24 12.01 31.77
C GLY A 388 -12.53 10.57 31.39
N ILE A 389 -12.83 9.74 32.38
CA ILE A 389 -13.20 8.35 32.13
C ILE A 389 -14.69 8.18 31.93
N ALA A 390 -15.49 8.83 32.80
CA ALA A 390 -16.94 8.69 32.72
C ALA A 390 -17.49 9.26 31.43
N GLU A 391 -16.92 10.38 30.97
CA GLU A 391 -17.36 10.99 29.71
C GLU A 391 -17.28 9.99 28.58
N VAL A 392 -16.12 9.37 28.39
CA VAL A 392 -15.96 8.45 27.27
C VAL A 392 -16.74 7.16 27.48
N ILE A 393 -16.86 6.70 28.73
CA ILE A 393 -17.64 5.49 28.99
C ILE A 393 -19.09 5.70 28.58
N ARG A 394 -19.67 6.83 28.98
CA ARG A 394 -21.06 7.12 28.61
C ARG A 394 -21.19 7.38 27.12
N LYS A 395 -20.24 8.12 26.53
CA LYS A 395 -20.35 8.46 25.12
C LYS A 395 -20.20 7.24 24.22
N VAL A 396 -19.51 6.20 24.70
CA VAL A 396 -19.30 5.01 23.88
C VAL A 396 -20.36 3.95 24.15
N VAL A 397 -20.55 3.56 25.41
CA VAL A 397 -21.34 2.38 25.70
C VAL A 397 -22.84 2.64 25.54
N VAL A 398 -23.32 3.80 25.97
CA VAL A 398 -24.77 4.02 26.03
C VAL A 398 -25.25 5.17 25.13
N GLU A 399 -24.38 6.11 24.76
CA GLU A 399 -24.85 7.28 24.03
C GLU A 399 -25.12 6.95 22.57
N LYS A 400 -26.07 7.68 21.98
CA LYS A 400 -26.40 7.49 20.57
C LYS A 400 -25.34 8.08 19.65
N SER A 401 -24.50 9.00 20.15
CA SER A 401 -23.42 9.52 19.33
C SER A 401 -22.37 8.46 19.05
N GLY A 402 -22.04 7.65 20.05
CA GLY A 402 -21.11 6.54 19.91
C GLY A 402 -21.67 5.33 19.20
N GLU A 403 -22.94 5.36 18.80
CA GLU A 403 -23.53 4.25 18.06
C GLU A 403 -22.70 3.91 16.83
N VAL A 404 -22.23 4.93 16.11
CA VAL A 404 -21.30 4.78 14.99
C VAL A 404 -20.20 3.82 15.42
N ILE A 405 -19.47 4.19 16.48
CA ILE A 405 -18.45 3.30 17.06
C ILE A 405 -19.06 1.94 17.33
N ARG A 406 -20.15 1.91 18.13
CA ARG A 406 -20.81 0.67 18.48
C ARG A 406 -21.14 -0.15 17.23
N ARG A 407 -21.43 0.51 16.12
CA ARG A 407 -21.75 -0.22 14.91
C ARG A 407 -20.50 -0.73 14.20
N LYS A 408 -19.48 0.12 14.10
CA LYS A 408 -18.26 -0.28 13.40
C LYS A 408 -17.64 -1.51 14.05
N ALA A 409 -17.50 -1.47 15.38
CA ALA A 409 -16.98 -2.63 16.11
C ALA A 409 -17.76 -3.89 15.80
N ARG A 410 -19.06 -3.76 15.50
CA ARG A 410 -19.82 -4.93 15.08
C ARG A 410 -19.57 -5.23 13.60
N GLU A 411 -19.63 -4.19 12.75
CA GLU A 411 -19.43 -4.41 11.33
C GLU A 411 -18.05 -4.99 11.05
N LEU A 412 -17.06 -4.65 11.86
CA LEU A 412 -15.75 -5.27 11.73
C LEU A 412 -15.76 -6.70 12.25
N SER A 413 -16.43 -6.93 13.39
CA SER A 413 -16.38 -8.23 14.05
C SER A 413 -16.84 -9.34 13.10
N GLU A 414 -18.03 -9.19 12.52
CA GLU A 414 -18.53 -10.17 11.56
C GLU A 414 -17.50 -10.43 10.47
N LYS A 415 -16.85 -9.37 9.98
CA LYS A 415 -15.84 -9.54 8.93
C LYS A 415 -14.75 -10.50 9.38
N MET A 416 -14.27 -10.35 10.62
CA MET A 416 -13.25 -11.26 11.12
C MET A 416 -13.76 -12.70 11.17
N LYS A 417 -15.04 -12.87 11.49
CA LYS A 417 -15.62 -14.20 11.51
C LYS A 417 -16.11 -14.63 10.13
N GLU A 418 -15.98 -13.78 9.12
CA GLU A 418 -16.36 -14.10 7.75
C GLU A 418 -15.19 -14.55 6.91
N LYS A 419 -14.08 -13.81 6.94
CA LYS A 419 -12.88 -14.12 6.20
C LYS A 419 -11.93 -15.03 6.97
N GLY A 420 -12.37 -15.57 8.10
CA GLY A 420 -11.51 -16.41 8.92
C GLY A 420 -11.05 -17.65 8.19
N GLU A 421 -10.14 -18.38 8.85
CA GLU A 421 -9.58 -19.63 8.36
C GLU A 421 -8.73 -19.42 7.11
N GLN A 422 -9.25 -18.66 6.12
CA GLN A 422 -8.55 -18.50 4.85
C GLN A 422 -7.27 -17.68 5.01
N GLU A 423 -7.23 -16.76 5.97
CA GLU A 423 -5.99 -16.05 6.27
C GLU A 423 -4.86 -17.03 6.57
N ILE A 424 -5.10 -17.92 7.53
CA ILE A 424 -4.09 -18.89 7.92
C ILE A 424 -3.86 -19.91 6.82
N ASP A 425 -4.87 -20.17 5.99
CA ASP A 425 -4.68 -21.06 4.84
C ASP A 425 -3.67 -20.46 3.87
N ARG A 426 -3.83 -19.19 3.52
CA ARG A 426 -2.88 -18.53 2.63
C ARG A 426 -1.51 -18.39 3.28
N ALA A 427 -1.47 -18.17 4.60
CA ALA A 427 -0.19 -18.14 5.29
C ALA A 427 0.52 -19.49 5.19
N VAL A 428 -0.22 -20.59 5.35
CA VAL A 428 0.37 -21.92 5.27
C VAL A 428 0.87 -22.20 3.86
N GLU A 429 0.07 -21.84 2.85
CA GLU A 429 0.52 -22.12 1.48
C GLU A 429 1.69 -21.24 1.08
N GLU A 430 1.82 -20.05 1.69
CA GLU A 430 3.01 -19.22 1.37
C GLU A 430 4.27 -19.84 2.00
N LEU A 431 4.13 -20.45 3.17
CA LEU A 431 5.28 -21.14 3.82
C LEU A 431 5.73 -22.30 2.94
N VAL A 432 4.77 -23.03 2.37
CA VAL A 432 5.11 -24.18 1.49
C VAL A 432 5.88 -23.62 0.29
N GLN A 433 5.49 -22.44 -0.19
CA GLN A 433 6.21 -21.80 -1.32
C GLN A 433 7.67 -21.58 -0.94
N ILE A 434 7.95 -21.00 0.23
CA ILE A 434 9.35 -20.66 0.57
C ILE A 434 10.19 -21.94 0.64
N CYS A 435 9.66 -22.99 1.26
CA CYS A 435 10.44 -24.23 1.41
C CYS A 435 10.75 -24.81 0.02
N LYS A 436 9.75 -24.81 -0.87
CA LYS A 436 9.94 -25.39 -2.22
C LYS A 436 10.99 -24.56 -2.98
N LYS A 437 10.94 -23.24 -2.81
CA LYS A 437 11.90 -22.36 -3.50
C LYS A 437 13.30 -22.69 -3.00
N LYS A 438 13.44 -22.88 -1.69
CA LYS A 438 14.77 -23.18 -1.09
C LYS A 438 15.28 -24.49 -1.70
N LYS A 439 14.41 -25.50 -1.79
CA LYS A 439 14.84 -26.81 -2.32
C LYS A 439 15.28 -26.64 -3.78
N ASP A 440 14.52 -25.85 -4.55
CA ASP A 440 14.84 -25.64 -5.98
C ASP A 440 16.19 -24.93 -6.08
N GLU A 441 16.51 -24.11 -5.08
CA GLU A 441 17.78 -23.32 -5.14
C GLU A 441 18.96 -24.30 -5.16
N GLN A 442 18.89 -25.38 -4.39
CA GLN A 442 20.00 -26.36 -4.32
C GLN A 442 21.29 -25.63 -3.94
N ILE B 8 -10.51 -6.71 -3.62
CA ILE B 8 -9.31 -7.48 -3.91
C ILE B 8 -9.17 -7.71 -5.40
N SER B 9 -10.28 -8.06 -6.05
CA SER B 9 -10.29 -8.36 -7.48
C SER B 9 -10.71 -7.13 -8.26
N ILE B 10 -9.94 -6.80 -9.30
CA ILE B 10 -10.19 -5.65 -10.15
C ILE B 10 -10.21 -6.11 -11.60
N ALA B 11 -11.04 -5.46 -12.42
CA ALA B 11 -11.12 -5.72 -13.84
C ALA B 11 -10.65 -4.48 -14.61
N LEU B 12 -9.86 -4.71 -15.64
CA LEU B 12 -9.30 -3.63 -16.46
C LEU B 12 -9.80 -3.78 -17.89
N LEU B 13 -10.39 -2.71 -18.43
CA LEU B 13 -10.90 -2.67 -19.79
C LEU B 13 -10.23 -1.51 -20.53
N PRO B 14 -9.04 -1.71 -21.07
CA PRO B 14 -8.42 -0.68 -21.89
C PRO B 14 -9.02 -0.63 -23.28
N PHE B 15 -8.99 0.56 -23.88
CA PHE B 15 -9.55 0.75 -25.20
C PHE B 15 -8.76 -0.07 -26.23
N LEU B 16 -9.38 -0.25 -27.40
CA LEU B 16 -8.81 -1.09 -28.46
C LEU B 16 -7.69 -0.38 -29.20
N ALA B 17 -6.77 0.23 -28.47
CA ALA B 17 -5.64 0.93 -29.06
C ALA B 17 -4.36 0.49 -28.37
N HIS B 18 -3.32 0.21 -29.16
CA HIS B 18 -2.03 -0.16 -28.60
C HIS B 18 -1.42 0.95 -27.76
N GLY B 19 -1.81 2.19 -28.00
CA GLY B 19 -1.32 3.32 -27.22
C GLY B 19 -1.82 3.37 -25.79
N HIS B 20 -2.86 2.59 -25.47
CA HIS B 20 -3.39 2.54 -24.11
C HIS B 20 -3.19 1.18 -23.45
N ILE B 21 -2.70 0.17 -24.18
CA ILE B 21 -2.47 -1.13 -23.59
C ILE B 21 -1.27 -1.08 -22.65
N SER B 22 -0.16 -0.53 -23.13
CA SER B 22 1.04 -0.39 -22.30
C SER B 22 0.78 0.35 -20.99
N PRO B 23 0.08 1.48 -20.96
CA PRO B 23 -0.29 2.07 -19.65
C PRO B 23 -1.14 1.13 -18.80
N PHE B 24 -2.19 0.54 -19.38
CA PHE B 24 -3.04 -0.35 -18.61
C PHE B 24 -2.28 -1.61 -18.18
N PHE B 25 -1.43 -2.15 -19.06
CA PHE B 25 -0.67 -3.34 -18.70
C PHE B 25 0.33 -3.04 -17.59
N GLU B 26 0.99 -1.89 -17.64
CA GLU B 26 1.92 -1.53 -16.57
C GLU B 26 1.18 -1.25 -15.27
N LEU B 27 -0.01 -0.66 -15.34
CA LEU B 27 -0.81 -0.47 -14.14
C LEU B 27 -1.21 -1.82 -13.55
N ALA B 28 -1.54 -2.79 -14.41
CA ALA B 28 -1.85 -4.14 -13.93
C ALA B 28 -0.64 -4.76 -13.24
N LYS B 29 0.54 -4.62 -13.84
CA LYS B 29 1.77 -5.09 -13.20
C LYS B 29 1.96 -4.46 -11.83
N GLN B 30 1.77 -3.13 -11.75
CA GLN B 30 2.04 -2.42 -10.51
C GLN B 30 1.05 -2.81 -9.41
N LEU B 31 -0.23 -2.95 -9.77
CA LEU B 31 -1.24 -3.26 -8.75
C LEU B 31 -1.28 -4.75 -8.39
N ALA B 32 -0.84 -5.63 -9.28
CA ALA B 32 -0.90 -7.06 -9.01
C ALA B 32 0.15 -7.51 -8.00
N LYS B 33 1.26 -6.76 -7.85
CA LYS B 33 2.32 -7.15 -6.95
C LYS B 33 2.07 -6.72 -5.50
N ARG B 34 1.04 -5.93 -5.24
CA ARG B 34 0.74 -5.46 -3.90
C ARG B 34 -0.72 -5.77 -3.55
N ASN B 35 -0.94 -6.03 -2.25
CA ASN B 35 -2.27 -6.29 -1.71
C ASN B 35 -2.94 -7.50 -2.34
N CYS B 36 -2.12 -8.43 -2.86
CA CYS B 36 -2.57 -9.67 -3.50
C CYS B 36 -3.75 -9.44 -4.44
N ASN B 37 -3.74 -8.31 -5.16
CA ASN B 37 -4.85 -7.91 -6.00
C ASN B 37 -5.08 -8.92 -7.13
N VAL B 38 -6.14 -9.71 -7.04
CA VAL B 38 -6.52 -10.61 -8.12
C VAL B 38 -6.88 -9.75 -9.33
N PHE B 39 -6.21 -9.99 -10.45
CA PHE B 39 -6.36 -9.14 -11.62
C PHE B 39 -6.83 -9.94 -12.83
N LEU B 40 -7.74 -9.33 -13.59
CA LEU B 40 -8.36 -9.96 -14.76
C LEU B 40 -8.48 -8.89 -15.83
N CYS B 41 -7.60 -8.93 -16.83
CA CYS B 41 -7.56 -7.93 -17.89
C CYS B 41 -8.32 -8.44 -19.10
N SER B 42 -9.16 -7.57 -19.68
CA SER B 42 -10.04 -7.93 -20.77
C SER B 42 -9.73 -7.05 -21.98
N THR B 43 -9.28 -7.69 -23.07
CA THR B 43 -8.81 -7.02 -24.28
C THR B 43 -8.63 -8.07 -25.38
N PRO B 44 -8.99 -7.77 -26.65
CA PRO B 44 -8.84 -8.79 -27.71
C PRO B 44 -7.46 -9.44 -27.77
N ILE B 45 -7.42 -10.66 -28.35
CA ILE B 45 -6.29 -11.58 -28.22
C ILE B 45 -4.98 -10.95 -28.66
N ASN B 46 -5.02 -10.04 -29.63
CA ASN B 46 -3.80 -9.50 -30.21
C ASN B 46 -3.17 -8.45 -29.31
N LEU B 47 -3.95 -7.48 -28.86
CA LEU B 47 -3.44 -6.49 -27.90
C LEU B 47 -2.90 -7.17 -26.65
N SER B 48 -3.50 -8.30 -26.26
CA SER B 48 -3.02 -9.05 -25.10
C SER B 48 -1.71 -9.78 -25.42
N SER B 49 -1.63 -10.40 -26.60
CA SER B 49 -0.45 -11.17 -26.97
C SER B 49 0.74 -10.28 -27.27
N ILE B 50 0.53 -9.00 -27.58
CA ILE B 50 1.64 -8.06 -27.70
C ILE B 50 2.46 -8.01 -26.41
N LYS B 51 1.88 -8.44 -25.30
CA LYS B 51 2.51 -8.36 -23.98
C LYS B 51 3.02 -9.71 -23.50
N ASP B 52 3.53 -10.52 -24.45
CA ASP B 52 4.00 -11.88 -24.11
C ASP B 52 5.34 -11.65 -23.40
N LYS B 53 5.30 -11.04 -22.22
CA LYS B 53 6.49 -10.72 -21.46
C LYS B 53 6.60 -11.32 -20.07
N ASP B 54 6.54 -10.51 -19.02
CA ASP B 54 6.71 -11.01 -17.65
C ASP B 54 5.45 -10.55 -16.92
N SER B 55 4.40 -11.36 -17.01
CA SER B 55 3.10 -11.03 -16.41
C SER B 55 2.52 -12.26 -15.70
N SER B 56 3.23 -12.73 -14.66
CA SER B 56 2.84 -13.93 -13.95
C SER B 56 1.77 -13.69 -12.89
N ALA B 57 1.58 -12.44 -12.45
CA ALA B 57 0.68 -12.17 -11.33
C ALA B 57 -0.78 -11.98 -11.75
N SER B 58 -1.03 -11.38 -12.91
CA SER B 58 -2.39 -11.08 -13.32
C SER B 58 -3.03 -12.26 -14.05
N ILE B 59 -4.36 -12.18 -14.19
CA ILE B 59 -5.15 -13.18 -14.91
C ILE B 59 -5.79 -12.50 -16.11
N LYS B 60 -5.46 -12.99 -17.31
CA LYS B 60 -5.96 -12.42 -18.55
C LYS B 60 -7.23 -13.14 -19.01
N LEU B 61 -8.18 -12.37 -19.53
CA LEU B 61 -9.47 -12.90 -20.00
C LEU B 61 -9.67 -12.59 -21.47
N VAL B 62 -10.30 -13.52 -22.18
CA VAL B 62 -10.53 -13.38 -23.60
C VAL B 62 -11.80 -12.58 -23.86
N GLU B 63 -11.91 -12.02 -25.06
CA GLU B 63 -13.10 -11.28 -25.44
C GLU B 63 -13.41 -11.50 -26.91
N LEU B 64 -14.69 -11.72 -27.20
CA LEU B 64 -15.18 -12.16 -28.51
C LEU B 64 -16.19 -11.15 -29.03
N HIS B 65 -16.21 -11.00 -30.36
CA HIS B 65 -17.12 -10.14 -31.13
C HIS B 65 -16.87 -10.38 -32.60
N LEU B 66 -17.85 -10.14 -33.49
CA LEU B 66 -17.60 -10.33 -34.94
C LEU B 66 -18.27 -9.21 -35.74
N PRO B 67 -17.52 -8.19 -36.19
CA PRO B 67 -18.09 -7.13 -37.01
C PRO B 67 -18.82 -7.70 -38.22
N SER B 68 -20.12 -7.45 -38.32
CA SER B 68 -20.90 -7.94 -39.49
C SER B 68 -21.09 -6.76 -40.46
N SER B 69 -20.64 -5.57 -40.05
CA SER B 69 -20.78 -4.37 -40.90
C SER B 69 -19.42 -3.69 -41.06
N PHE B 94 -16.27 -2.13 -32.02
CA PHE B 94 -16.21 -2.10 -30.56
C PHE B 94 -17.55 -1.74 -29.93
N GLU B 95 -18.30 -0.87 -30.60
CA GLU B 95 -19.59 -0.42 -30.07
C GLU B 95 -20.65 -1.52 -30.05
N THR B 96 -20.29 -2.76 -30.39
CA THR B 96 -21.22 -3.87 -30.37
C THR B 96 -20.86 -4.96 -29.37
N ALA B 97 -19.63 -4.97 -28.84
CA ALA B 97 -19.19 -6.02 -27.93
C ALA B 97 -19.61 -5.73 -26.50
N GLY B 98 -20.74 -5.05 -26.32
CA GLY B 98 -21.26 -4.75 -25.02
C GLY B 98 -21.74 -5.96 -24.25
N PRO B 99 -22.71 -6.69 -24.83
CA PRO B 99 -23.21 -7.89 -24.13
C PRO B 99 -22.16 -8.96 -23.89
N THR B 100 -21.15 -9.07 -24.74
CA THR B 100 -20.04 -9.98 -24.45
C THR B 100 -19.34 -9.57 -23.16
N PHE B 101 -19.04 -8.28 -23.02
CA PHE B 101 -18.47 -7.78 -21.77
C PHE B 101 -19.43 -7.96 -20.60
N SER B 102 -20.73 -7.90 -20.86
CA SER B 102 -21.71 -8.09 -19.80
C SER B 102 -21.68 -9.51 -19.27
N GLU B 103 -21.65 -10.50 -20.16
CA GLU B 103 -21.50 -11.89 -19.74
C GLU B 103 -20.16 -12.11 -19.05
N ILE B 104 -19.10 -11.47 -19.57
CA ILE B 104 -17.79 -11.57 -18.95
C ILE B 104 -17.84 -11.10 -17.50
N LEU B 105 -18.47 -9.94 -17.28
CA LEU B 105 -18.58 -9.41 -15.92
C LEU B 105 -19.48 -10.30 -15.05
N LYS B 106 -20.55 -10.83 -15.64
CA LYS B 106 -21.45 -11.69 -14.88
C LYS B 106 -20.73 -12.95 -14.38
N THR B 107 -19.76 -13.44 -15.14
CA THR B 107 -19.00 -14.59 -14.66
C THR B 107 -17.87 -14.19 -13.71
N LEU B 108 -17.10 -13.16 -14.07
CA LEU B 108 -16.00 -12.75 -13.21
C LEU B 108 -16.51 -12.18 -11.89
N ASN B 109 -17.57 -11.37 -11.96
CA ASN B 109 -18.06 -10.61 -10.81
C ASN B 109 -16.92 -9.86 -10.10
N PRO B 110 -16.24 -8.96 -10.81
CA PRO B 110 -15.14 -8.22 -10.16
C PRO B 110 -15.65 -7.11 -9.26
N ASP B 111 -14.85 -6.80 -8.24
CA ASP B 111 -15.24 -5.80 -7.27
C ASP B 111 -15.11 -4.39 -7.81
N LEU B 112 -14.37 -4.19 -8.90
CA LEU B 112 -14.16 -2.86 -9.44
C LEU B 112 -13.73 -2.99 -10.90
N LEU B 113 -14.04 -1.96 -11.69
CA LEU B 113 -13.72 -1.92 -13.10
C LEU B 113 -13.00 -0.63 -13.41
N ILE B 114 -11.78 -0.73 -13.95
CA ILE B 114 -11.01 0.41 -14.40
C ILE B 114 -11.12 0.47 -15.92
N TYR B 115 -11.90 1.42 -16.42
CA TYR B 115 -12.18 1.53 -17.84
C TYR B 115 -11.45 2.73 -18.44
N ASP B 116 -11.40 2.75 -19.77
CA ASP B 116 -10.69 3.81 -20.50
C ASP B 116 -11.64 4.95 -20.82
N PHE B 117 -11.50 5.53 -22.01
CA PHE B 117 -12.26 6.73 -22.39
C PHE B 117 -13.37 6.46 -23.39
N ASN B 118 -13.17 5.56 -24.34
CA ASN B 118 -14.12 5.36 -25.43
C ASN B 118 -15.05 4.15 -25.29
N PRO B 119 -14.75 3.13 -24.42
CA PRO B 119 -15.72 2.08 -24.16
C PRO B 119 -17.16 2.54 -24.01
N SER B 120 -17.37 3.71 -23.39
CA SER B 120 -18.68 4.34 -23.28
C SER B 120 -19.68 3.50 -22.48
N TRP B 121 -19.92 2.26 -22.89
CA TRP B 121 -20.87 1.40 -22.20
C TRP B 121 -20.24 0.62 -21.05
N ALA B 122 -18.94 0.78 -20.81
CA ALA B 122 -18.31 0.08 -19.69
C ALA B 122 -18.90 0.46 -18.34
N PRO B 123 -19.04 1.74 -17.97
CA PRO B 123 -19.68 2.04 -16.68
C PRO B 123 -21.15 1.65 -16.65
N GLU B 124 -21.85 1.70 -17.79
CA GLU B 124 -23.25 1.31 -17.81
C GLU B 124 -23.40 -0.18 -17.57
N ILE B 125 -22.54 -1.02 -18.17
CA ILE B 125 -22.59 -2.45 -17.92
C ILE B 125 -22.16 -2.75 -16.48
N ALA B 126 -21.16 -2.03 -15.98
CA ALA B 126 -20.75 -2.20 -14.59
C ALA B 126 -21.88 -1.86 -13.64
N SER B 127 -22.71 -0.88 -13.98
CA SER B 127 -23.88 -0.56 -13.17
C SER B 127 -24.95 -1.65 -13.30
N SER B 128 -25.18 -2.14 -14.52
CA SER B 128 -26.15 -3.20 -14.74
C SER B 128 -25.74 -4.50 -14.07
N HIS B 129 -24.46 -4.63 -13.70
CA HIS B 129 -23.99 -5.77 -12.91
C HIS B 129 -23.54 -5.37 -11.52
N ASN B 130 -23.89 -4.16 -11.08
CA ASN B 130 -23.58 -3.66 -9.73
C ASN B 130 -22.07 -3.69 -9.47
N ILE B 131 -21.33 -3.01 -10.34
CA ILE B 131 -19.88 -2.92 -10.23
C ILE B 131 -19.48 -1.45 -10.30
N PRO B 132 -18.70 -0.95 -9.36
CA PRO B 132 -18.21 0.43 -9.47
C PRO B 132 -17.15 0.55 -10.57
N ALA B 133 -17.25 1.61 -11.36
CA ALA B 133 -16.35 1.86 -12.47
C ALA B 133 -15.47 3.06 -12.17
N VAL B 134 -14.17 2.90 -12.37
CA VAL B 134 -13.19 3.95 -12.13
C VAL B 134 -12.51 4.29 -13.45
N TYR B 135 -12.41 5.58 -13.75
CA TYR B 135 -11.80 6.04 -14.99
C TYR B 135 -10.29 6.19 -14.82
N PHE B 136 -9.56 5.69 -15.81
CA PHE B 136 -8.11 5.84 -15.88
C PHE B 136 -7.78 6.78 -17.02
N LEU B 137 -7.15 7.91 -16.68
CA LEU B 137 -6.75 8.91 -17.66
C LEU B 137 -5.27 8.72 -17.95
N THR B 138 -4.95 8.12 -19.10
CA THR B 138 -3.59 7.93 -19.57
C THR B 138 -3.00 9.16 -20.25
N THR B 139 -3.44 10.36 -19.87
CA THR B 139 -2.97 11.59 -20.48
C THR B 139 -2.80 12.65 -19.39
N ALA B 140 -2.17 13.76 -19.73
CA ALA B 140 -1.91 14.82 -18.76
C ALA B 140 -3.23 15.42 -18.26
N ALA B 141 -3.14 16.08 -17.09
CA ALA B 141 -4.29 16.77 -16.53
C ALA B 141 -4.41 18.20 -17.05
N ALA B 142 -3.29 18.85 -17.37
CA ALA B 142 -3.35 20.20 -17.91
C ALA B 142 -4.05 20.24 -19.26
N SER B 143 -3.82 19.23 -20.09
CA SER B 143 -4.50 19.15 -21.38
C SER B 143 -5.99 18.91 -21.20
N SER B 144 -6.37 18.07 -20.23
CA SER B 144 -7.78 17.80 -19.98
C SER B 144 -8.45 18.95 -19.24
N SER B 145 -7.69 19.71 -18.45
CA SER B 145 -8.25 20.84 -17.73
C SER B 145 -8.84 21.87 -18.68
N ILE B 146 -8.23 22.04 -19.86
CA ILE B 146 -8.73 22.93 -20.89
C ILE B 146 -10.19 22.63 -21.17
N GLY B 147 -10.46 21.43 -21.70
CA GLY B 147 -11.82 21.08 -22.06
C GLY B 147 -12.76 20.99 -20.89
N LEU B 148 -12.26 20.53 -19.73
CA LEU B 148 -13.15 20.39 -18.57
C LEU B 148 -13.60 21.76 -18.08
N HIS B 149 -12.67 22.71 -17.96
CA HIS B 149 -13.04 24.07 -17.58
C HIS B 149 -13.93 24.71 -18.63
N ALA B 150 -13.68 24.41 -19.90
CA ALA B 150 -14.48 25.04 -20.97
C ALA B 150 -15.93 24.62 -20.80
N PHE B 151 -16.17 23.40 -20.30
CA PHE B 151 -17.55 22.88 -20.19
C PHE B 151 -18.24 23.34 -18.90
N LYS B 152 -17.82 22.80 -17.75
CA LYS B 152 -18.48 23.12 -16.46
C LYS B 152 -18.50 24.61 -16.17
N ASN B 153 -17.41 25.31 -16.46
CA ASN B 153 -17.32 26.76 -16.13
C ASN B 153 -17.26 27.53 -17.44
N PRO B 154 -18.39 27.74 -18.16
CA PRO B 154 -18.33 28.37 -19.46
C PRO B 154 -18.24 29.90 -19.38
N GLY B 155 -17.59 30.52 -20.37
CA GLY B 155 -17.49 31.98 -20.41
C GLY B 155 -16.46 32.51 -19.44
N GLU B 156 -15.82 31.61 -18.68
CA GLU B 156 -14.82 32.02 -17.68
C GLU B 156 -13.34 32.15 -18.03
N LYS B 157 -12.52 32.55 -17.07
CA LYS B 157 -11.07 32.69 -17.35
C LYS B 157 -10.39 31.37 -17.00
N TYR B 158 -9.58 30.81 -17.90
CA TYR B 158 -8.83 29.58 -17.50
C TYR B 158 -7.96 30.01 -16.33
N PRO B 159 -7.91 29.26 -15.20
CA PRO B 159 -7.21 29.74 -14.01
C PRO B 159 -5.73 30.06 -14.23
N PHE B 160 -4.99 29.23 -14.98
CA PHE B 160 -3.59 29.61 -15.30
C PHE B 160 -3.56 30.12 -16.73
N PRO B 161 -3.42 31.44 -16.96
CA PRO B 161 -3.50 31.98 -18.31
C PRO B 161 -2.34 31.69 -19.25
N ASP B 162 -1.19 31.27 -18.72
CA ASP B 162 -0.01 31.11 -19.62
C ASP B 162 -0.16 29.80 -20.39
N PHE B 163 -0.67 28.76 -19.73
CA PHE B 163 -0.88 27.45 -20.42
C PHE B 163 -1.93 27.58 -21.53
N TYR B 164 -3.03 28.32 -21.32
CA TYR B 164 -4.00 28.52 -22.42
C TYR B 164 -4.41 29.99 -22.52
N ASP B 165 -4.13 30.64 -23.65
CA ASP B 165 -4.41 32.09 -23.78
C ASP B 165 -5.86 32.30 -24.25
N ASN B 166 -6.56 31.22 -24.62
CA ASN B 166 -7.98 31.32 -25.05
C ASN B 166 -8.10 32.28 -26.22
N SER B 167 -9.07 33.20 -26.16
CA SER B 167 -9.31 34.20 -27.26
C SER B 167 -9.15 33.54 -28.63
N ASN B 168 -10.13 32.73 -29.05
CA ASN B 168 -9.99 31.99 -30.34
C ASN B 168 -11.32 31.86 -31.09
N ILE B 169 -11.60 30.66 -31.62
CA ILE B 169 -12.54 30.37 -32.69
C ILE B 169 -13.18 28.99 -32.56
N ILE B 170 -14.44 28.91 -32.97
CA ILE B 170 -15.19 27.65 -33.05
C ILE B 170 -15.30 26.95 -31.69
N ALA B 176 -15.99 20.36 -35.38
CA ALA B 176 -17.28 20.73 -34.78
C ALA B 176 -17.95 19.46 -34.23
N ASP B 177 -17.76 18.33 -34.92
CA ASP B 177 -18.30 17.04 -34.41
C ASP B 177 -17.31 16.51 -33.37
N ASN B 178 -16.17 17.19 -33.20
CA ASN B 178 -15.24 16.81 -32.12
C ASN B 178 -15.84 17.27 -30.80
N MET B 179 -16.88 18.11 -30.85
CA MET B 179 -17.57 18.47 -29.60
C MET B 179 -18.32 17.23 -29.12
N LYS B 180 -18.73 16.34 -30.05
CA LYS B 180 -19.34 15.07 -29.59
C LYS B 180 -18.25 14.29 -28.86
N LEU B 181 -17.03 14.30 -29.40
CA LEU B 181 -15.90 13.57 -28.77
C LEU B 181 -15.68 14.18 -27.37
N LEU B 182 -15.75 15.50 -27.27
CA LEU B 182 -15.54 16.17 -25.97
C LEU B 182 -16.70 15.85 -25.05
N HIS B 183 -17.92 15.75 -25.61
CA HIS B 183 -19.10 15.38 -24.79
C HIS B 183 -18.93 13.95 -24.27
N ASP B 184 -18.45 13.04 -25.12
CA ASP B 184 -18.26 11.63 -24.70
C ASP B 184 -17.04 11.59 -23.78
N PHE B 185 -16.12 12.54 -23.99
CA PHE B 185 -14.91 12.60 -23.13
C PHE B 185 -15.33 12.91 -21.70
N ILE B 186 -16.18 13.91 -21.51
CA ILE B 186 -16.50 14.24 -20.12
C ILE B 186 -17.43 13.24 -19.48
N ALA B 187 -17.90 12.24 -20.23
CA ALA B 187 -18.79 11.23 -19.66
C ALA B 187 -18.04 10.33 -18.70
N CYS B 188 -16.83 9.90 -19.06
CA CYS B 188 -15.99 9.16 -18.12
C CYS B 188 -15.55 10.04 -16.96
N PHE B 189 -15.56 11.36 -17.13
CA PHE B 189 -15.47 12.31 -16.03
C PHE B 189 -16.82 12.55 -15.34
N GLU B 190 -17.80 11.69 -15.60
CA GLU B 190 -19.09 11.75 -14.93
C GLU B 190 -19.56 10.41 -14.37
N ARG B 191 -19.01 9.28 -14.83
CA ARG B 191 -19.42 7.97 -14.37
C ARG B 191 -18.43 7.33 -13.39
N SER B 192 -17.21 7.89 -13.27
CA SER B 192 -16.23 7.35 -12.33
C SER B 192 -16.76 7.46 -10.90
N CYS B 193 -16.20 6.63 -10.02
CA CYS B 193 -16.68 6.47 -8.65
C CYS B 193 -15.71 7.16 -7.69
N ASP B 194 -15.97 8.45 -7.42
CA ASP B 194 -15.33 9.22 -6.36
C ASP B 194 -13.83 9.46 -6.56
N ILE B 195 -13.15 8.63 -7.33
CA ILE B 195 -11.74 8.83 -7.61
C ILE B 195 -11.49 8.66 -9.10
N ILE B 196 -10.51 9.40 -9.61
CA ILE B 196 -10.09 9.33 -11.00
C ILE B 196 -8.59 9.08 -11.03
N LEU B 197 -8.20 7.92 -11.56
CA LEU B 197 -6.79 7.64 -11.74
C LEU B 197 -6.22 8.45 -12.91
N ILE B 198 -4.94 8.77 -12.82
CA ILE B 198 -4.28 9.57 -13.85
C ILE B 198 -2.83 9.12 -13.96
N LYS B 199 -2.37 8.93 -15.20
CA LYS B 199 -0.99 8.55 -15.48
C LYS B 199 -0.13 9.81 -15.48
N SER B 200 0.06 10.35 -14.28
CA SER B 200 0.86 11.56 -14.09
C SER B 200 1.27 11.62 -12.62
N PHE B 201 1.92 12.71 -12.23
CA PHE B 201 2.43 12.85 -10.87
C PHE B 201 2.41 14.32 -10.46
N ARG B 202 2.44 14.53 -9.15
CA ARG B 202 2.31 15.89 -8.60
C ARG B 202 3.51 16.76 -8.94
N GLU B 203 4.69 16.17 -9.12
CA GLU B 203 5.88 16.96 -9.39
C GLU B 203 5.84 17.66 -10.74
N LEU B 204 5.03 17.16 -11.68
CA LEU B 204 4.91 17.78 -13.00
C LEU B 204 3.73 18.73 -13.10
N GLU B 205 2.55 18.29 -12.67
CA GLU B 205 1.33 19.08 -12.79
C GLU B 205 0.46 18.91 -11.55
N GLY B 206 1.07 19.12 -10.38
CA GLY B 206 0.29 19.11 -9.15
C GLY B 206 -0.71 20.24 -9.07
N LYS B 207 -0.43 21.35 -9.77
CA LYS B 207 -1.39 22.45 -9.83
C LYS B 207 -2.62 22.05 -10.64
N TYR B 208 -2.41 21.39 -11.79
CA TYR B 208 -3.52 20.99 -12.65
C TYR B 208 -4.25 19.76 -12.14
N ILE B 209 -3.59 18.91 -11.33
CA ILE B 209 -4.25 17.73 -10.80
C ILE B 209 -5.34 18.14 -9.82
N ASP B 210 -5.02 19.04 -8.88
CA ASP B 210 -6.03 19.51 -7.94
C ASP B 210 -7.07 20.38 -8.62
N LEU B 211 -6.70 21.09 -9.70
CA LEU B 211 -7.69 21.82 -10.48
C LEU B 211 -8.69 20.87 -11.12
N LEU B 212 -8.20 19.78 -11.72
CA LEU B 212 -9.08 18.77 -12.27
C LEU B 212 -9.94 18.13 -11.18
N SER B 213 -9.37 17.96 -9.99
CA SER B 213 -10.13 17.43 -8.86
C SER B 213 -11.30 18.35 -8.50
N THR B 214 -11.02 19.64 -8.35
CA THR B 214 -12.09 20.58 -8.00
C THR B 214 -13.10 20.74 -9.11
N LEU B 215 -12.67 20.59 -10.38
CA LEU B 215 -13.61 20.73 -11.49
C LEU B 215 -14.53 19.51 -11.59
N SER B 216 -13.97 18.30 -11.57
CA SER B 216 -14.76 17.09 -11.67
C SER B 216 -15.32 16.64 -10.33
N ASP B 217 -14.96 17.31 -9.23
CA ASP B 217 -15.41 16.98 -7.88
C ASP B 217 -15.00 15.56 -7.45
N LYS B 218 -14.00 14.99 -8.11
CA LYS B 218 -13.48 13.67 -7.76
C LYS B 218 -12.01 13.79 -7.37
N THR B 219 -11.55 12.80 -6.60
CA THR B 219 -10.17 12.77 -6.13
C THR B 219 -9.28 12.25 -7.26
N LEU B 220 -8.46 13.13 -7.82
CA LEU B 220 -7.48 12.74 -8.84
C LEU B 220 -6.29 12.11 -8.14
N VAL B 221 -6.23 10.78 -8.18
CA VAL B 221 -5.17 10.03 -7.51
C VAL B 221 -4.10 9.69 -8.54
N PRO B 222 -2.92 10.29 -8.48
CA PRO B 222 -1.88 9.98 -9.46
C PRO B 222 -1.24 8.63 -9.23
N VAL B 223 -0.86 7.99 -10.33
CA VAL B 223 -0.15 6.72 -10.30
C VAL B 223 1.24 6.83 -10.92
N GLY B 224 1.72 8.05 -11.14
CA GLY B 224 3.03 8.26 -11.71
C GLY B 224 3.14 7.77 -13.14
N PRO B 225 4.36 7.79 -13.68
CA PRO B 225 4.56 7.24 -15.03
C PRO B 225 4.52 5.71 -15.01
N LEU B 226 4.75 5.09 -16.15
CA LEU B 226 4.74 3.63 -16.26
C LEU B 226 5.89 3.23 -17.18
N VAL B 227 6.95 2.69 -16.59
CA VAL B 227 8.23 2.41 -17.25
C VAL B 227 8.59 3.47 -18.29
N ASP B 236 17.76 -9.87 -28.03
CA ASP B 236 17.45 -8.94 -29.11
C ASP B 236 18.73 -8.34 -29.68
N PRO B 237 19.05 -8.69 -30.93
CA PRO B 237 20.31 -8.21 -31.53
C PRO B 237 20.35 -6.70 -31.73
N LYS B 238 19.22 -6.06 -32.03
CA LYS B 238 19.23 -4.62 -32.26
C LYS B 238 19.46 -3.86 -30.96
N THR B 239 18.92 -4.35 -29.85
CA THR B 239 19.23 -3.73 -28.56
C THR B 239 20.70 -3.89 -28.20
N GLU B 240 21.33 -4.98 -28.65
CA GLU B 240 22.75 -5.18 -28.38
C GLU B 240 23.60 -4.16 -29.15
N GLN B 241 23.21 -3.84 -30.38
CA GLN B 241 23.99 -2.91 -31.19
C GLN B 241 23.85 -1.48 -30.70
N ILE B 242 22.62 -1.05 -30.40
CA ILE B 242 22.40 0.33 -29.96
C ILE B 242 23.16 0.59 -28.66
N ILE B 243 23.15 -0.37 -27.75
CA ILE B 243 23.79 -0.19 -26.45
C ILE B 243 25.30 -0.07 -26.61
N ASN B 244 25.90 -0.92 -27.45
CA ASN B 244 27.34 -0.85 -27.67
C ASN B 244 27.74 0.45 -28.36
N TRP B 245 26.92 0.91 -29.30
CA TRP B 245 27.19 2.19 -29.96
C TRP B 245 27.09 3.34 -28.96
N LEU B 246 26.14 3.26 -28.03
CA LEU B 246 26.01 4.31 -27.02
C LEU B 246 27.11 4.24 -25.97
N ASP B 247 27.71 3.07 -25.77
CA ASP B 247 28.82 2.95 -24.84
C ASP B 247 30.08 3.65 -25.37
N LYS B 248 30.24 3.68 -26.69
CA LYS B 248 31.40 4.29 -27.32
C LYS B 248 31.41 5.81 -27.21
N ARG B 249 30.33 6.41 -26.71
CA ARG B 249 30.22 7.86 -26.63
C ARG B 249 30.40 8.33 -25.20
N ALA B 250 30.52 9.65 -25.04
CA ALA B 250 30.70 10.25 -23.73
C ALA B 250 29.38 10.33 -22.99
N GLU B 251 29.45 10.64 -21.69
CA GLU B 251 28.26 10.70 -20.86
C GLU B 251 27.43 11.93 -21.19
N SER B 252 26.16 11.71 -21.52
CA SER B 252 25.19 12.77 -21.79
C SER B 252 25.66 13.67 -22.93
N THR B 253 26.02 13.04 -24.06
CA THR B 253 26.46 13.77 -25.25
C THR B 253 25.72 13.32 -26.51
N VAL B 254 24.68 12.51 -26.39
CA VAL B 254 23.94 11.99 -27.53
C VAL B 254 22.51 12.48 -27.46
N VAL B 255 21.92 12.74 -28.63
CA VAL B 255 20.58 13.29 -28.75
C VAL B 255 19.70 12.25 -29.41
N PHE B 256 18.78 11.68 -28.65
CA PHE B 256 17.80 10.74 -29.20
C PHE B 256 16.66 11.51 -29.85
N VAL B 257 16.09 10.93 -30.91
CA VAL B 257 14.94 11.54 -31.65
C VAL B 257 13.95 10.41 -31.97
N CYS B 258 12.64 10.61 -31.77
CA CYS B 258 11.64 9.58 -32.13
C CYS B 258 10.23 10.17 -32.24
N PHE B 259 9.51 9.87 -33.33
CA PHE B 259 8.10 10.32 -33.50
C PHE B 259 7.37 9.17 -34.21
N GLY B 260 6.75 8.26 -33.47
CA GLY B 260 6.16 7.09 -34.14
C GLY B 260 4.73 6.79 -33.70
N SER B 261 4.13 5.75 -34.30
CA SER B 261 2.75 5.33 -33.95
C SER B 261 1.81 6.54 -33.95
N GLU B 262 2.13 7.58 -34.73
CA GLU B 262 1.29 8.73 -35.03
C GLU B 262 1.23 9.09 -36.50
N TYR B 263 1.96 10.12 -36.94
CA TYR B 263 1.91 10.48 -38.38
C TYR B 263 2.87 9.63 -39.20
N PHE B 264 2.62 9.53 -40.51
CA PHE B 264 3.45 8.65 -41.38
C PHE B 264 4.78 9.32 -41.70
N LEU B 265 4.91 10.64 -41.53
CA LEU B 265 6.15 11.41 -41.82
C LEU B 265 6.42 11.46 -43.33
N SER B 266 6.13 12.59 -43.97
CA SER B 266 6.45 12.73 -45.42
C SER B 266 7.97 12.84 -45.60
N ASN B 267 8.48 12.48 -46.78
CA ASN B 267 9.94 12.50 -47.01
C ASN B 267 10.46 13.92 -46.92
N GLU B 268 9.64 14.91 -47.30
CA GLU B 268 10.11 16.31 -47.35
C GLU B 268 10.36 16.79 -45.91
N GLU B 269 9.63 16.23 -44.95
CA GLU B 269 9.81 16.63 -43.53
C GLU B 269 11.19 16.20 -43.06
N LEU B 270 11.66 15.03 -43.51
CA LEU B 270 12.95 14.48 -43.02
C LEU B 270 14.13 15.41 -43.33
N GLU B 271 14.06 16.18 -44.41
CA GLU B 271 15.18 17.03 -44.83
C GLU B 271 15.42 18.14 -43.82
N GLU B 272 14.34 18.79 -43.37
CA GLU B 272 14.49 19.84 -42.36
C GLU B 272 15.16 19.29 -41.09
N VAL B 273 14.69 18.14 -40.61
CA VAL B 273 15.24 17.62 -39.36
C VAL B 273 16.66 17.10 -39.55
N ALA B 274 17.00 16.61 -40.75
CA ALA B 274 18.37 16.17 -41.00
C ALA B 274 19.33 17.35 -41.04
N ILE B 275 18.95 18.43 -41.72
CA ILE B 275 19.78 19.62 -41.74
C ILE B 275 19.90 20.21 -40.33
N GLY B 276 18.84 20.12 -39.53
CA GLY B 276 18.95 20.55 -38.16
C GLY B 276 19.88 19.68 -37.32
N LEU B 277 19.85 18.36 -37.57
CA LEU B 277 20.70 17.45 -36.82
C LEU B 277 22.17 17.61 -37.20
N GLU B 278 22.46 17.98 -38.45
CA GLU B 278 23.85 18.10 -38.87
C GLU B 278 24.53 19.31 -38.22
N ILE B 279 24.03 20.51 -38.53
CA ILE B 279 24.68 21.74 -38.10
C ILE B 279 24.71 21.90 -36.58
N SER B 280 24.05 21.03 -35.84
CA SER B 280 24.18 21.04 -34.39
C SER B 280 25.55 20.56 -33.93
N THR B 281 26.27 19.83 -34.77
CA THR B 281 27.58 19.26 -34.46
C THR B 281 27.51 18.44 -33.17
N VAL B 282 26.58 17.48 -33.15
CA VAL B 282 26.35 16.64 -31.98
C VAL B 282 25.97 15.24 -32.44
N ASN B 283 26.28 14.26 -31.59
CA ASN B 283 25.90 12.89 -31.87
C ASN B 283 24.39 12.72 -31.69
N PHE B 284 23.81 11.83 -32.50
CA PHE B 284 22.36 11.66 -32.49
C PHE B 284 22.00 10.25 -32.96
N ILE B 285 21.07 9.63 -32.25
CA ILE B 285 20.50 8.35 -32.65
C ILE B 285 19.03 8.59 -32.97
N TRP B 286 18.64 8.32 -34.22
CA TRP B 286 17.29 8.65 -34.69
C TRP B 286 16.64 7.40 -35.27
N ALA B 287 15.39 7.16 -34.89
CA ALA B 287 14.63 6.01 -35.38
C ALA B 287 13.26 6.51 -35.87
N VAL B 288 13.10 6.58 -37.19
CA VAL B 288 11.84 7.02 -37.78
C VAL B 288 11.25 5.89 -38.62
N GLN B 305 26.38 12.72 -47.53
CA GLN B 305 25.46 12.02 -46.64
C GLN B 305 26.19 11.15 -45.63
N ARG B 306 27.04 10.27 -46.14
CA ARG B 306 27.86 9.35 -45.34
C ARG B 306 27.02 8.37 -44.54
N VAL B 307 25.71 8.31 -44.79
CA VAL B 307 24.75 7.51 -44.04
C VAL B 307 24.94 7.80 -42.56
N GLY B 308 24.97 9.09 -42.22
CA GLY B 308 25.19 9.52 -40.85
C GLY B 308 26.44 8.94 -40.24
N ASP B 309 27.61 9.44 -40.65
CA ASP B 309 28.87 8.88 -40.16
C ASP B 309 29.08 9.13 -38.68
N ARG B 310 28.58 10.25 -38.17
CA ARG B 310 28.73 10.67 -36.78
C ARG B 310 27.70 10.02 -35.86
N GLY B 311 26.42 10.00 -36.26
CA GLY B 311 25.37 9.42 -35.46
C GLY B 311 24.94 8.05 -35.93
N LEU B 312 23.78 7.63 -35.45
CA LEU B 312 23.23 6.31 -35.75
C LEU B 312 21.76 6.44 -36.11
N VAL B 313 21.33 5.59 -37.04
CA VAL B 313 19.97 5.63 -37.59
C VAL B 313 19.38 4.24 -37.54
N VAL B 314 18.18 4.12 -36.98
CA VAL B 314 17.44 2.87 -36.90
C VAL B 314 16.16 3.03 -37.70
N GLU B 315 15.65 1.91 -38.24
CA GLU B 315 14.47 1.95 -39.09
C GLU B 315 13.20 2.06 -38.27
N GLY B 316 12.93 1.08 -37.41
CA GLY B 316 11.64 1.01 -36.75
C GLY B 316 11.66 1.20 -35.24
N TRP B 317 11.70 0.09 -34.50
CA TRP B 317 11.50 0.10 -33.06
C TRP B 317 12.83 0.22 -32.33
N ALA B 318 12.87 1.09 -31.33
CA ALA B 318 14.06 1.35 -30.54
C ALA B 318 13.77 1.13 -29.06
N PRO B 319 14.76 0.67 -28.29
CA PRO B 319 14.55 0.49 -26.84
C PRO B 319 14.44 1.82 -26.12
N GLN B 320 13.29 2.48 -26.27
CA GLN B 320 13.13 3.85 -25.75
C GLN B 320 13.42 3.92 -24.26
N ALA B 321 12.86 2.98 -23.49
CA ALA B 321 13.08 2.98 -22.04
C ALA B 321 14.55 2.77 -21.71
N ARG B 322 15.22 1.88 -22.43
CA ARG B 322 16.64 1.64 -22.17
C ARG B 322 17.53 2.69 -22.80
N ILE B 323 17.09 3.31 -23.89
CA ILE B 323 17.89 4.37 -24.52
C ILE B 323 17.90 5.61 -23.64
N LEU B 324 16.73 6.00 -23.13
CA LEU B 324 16.65 7.20 -22.30
C LEU B 324 17.32 7.00 -20.95
N GLY B 325 17.35 5.76 -20.45
CA GLY B 325 18.00 5.48 -19.19
C GLY B 325 19.50 5.35 -19.25
N HIS B 326 20.08 5.31 -20.44
CA HIS B 326 21.53 5.20 -20.57
C HIS B 326 22.21 6.49 -20.14
N SER B 327 23.41 6.36 -19.60
CA SER B 327 24.17 7.51 -19.11
C SER B 327 24.69 8.41 -20.21
N SER B 328 24.71 7.94 -21.47
CA SER B 328 25.21 8.74 -22.58
C SER B 328 24.11 9.52 -23.29
N THR B 329 22.85 9.35 -22.89
CA THR B 329 21.74 10.04 -23.52
C THR B 329 21.53 11.41 -22.86
N GLY B 330 21.40 12.44 -23.69
CA GLY B 330 21.21 13.79 -23.19
C GLY B 330 20.38 14.65 -24.10
N GLY B 331 19.38 14.05 -24.77
CA GLY B 331 18.52 14.78 -25.67
C GLY B 331 17.41 13.92 -26.24
N PHE B 332 16.20 14.46 -26.31
CA PHE B 332 15.04 13.73 -26.82
C PHE B 332 14.18 14.69 -27.63
N VAL B 333 14.38 14.68 -28.95
CA VAL B 333 13.51 15.40 -29.88
C VAL B 333 12.27 14.55 -30.09
N SER B 334 11.18 14.92 -29.44
CA SER B 334 9.98 14.10 -29.39
C SER B 334 8.78 14.83 -29.98
N HIS B 335 7.82 14.04 -30.44
CA HIS B 335 6.53 14.55 -30.90
C HIS B 335 5.60 14.90 -29.74
N CYS B 336 6.09 14.80 -28.50
CA CYS B 336 5.38 15.24 -27.30
C CYS B 336 4.17 14.36 -26.99
N GLY B 337 4.32 13.06 -27.18
CA GLY B 337 3.34 12.13 -26.64
C GLY B 337 3.46 12.00 -25.14
N TRP B 338 2.38 11.53 -24.51
CA TRP B 338 2.36 11.49 -23.05
C TRP B 338 3.26 10.38 -22.51
N SER B 339 3.16 9.18 -23.07
CA SER B 339 4.00 8.09 -22.60
C SER B 339 5.48 8.37 -22.86
N SER B 340 5.78 8.94 -24.03
CA SER B 340 7.17 9.29 -24.34
C SER B 340 7.72 10.31 -23.36
N ILE B 341 6.92 11.34 -23.04
CA ILE B 341 7.39 12.37 -22.12
C ILE B 341 7.52 11.81 -20.71
N ALA B 342 6.60 10.93 -20.31
CA ALA B 342 6.72 10.30 -18.99
C ALA B 342 7.99 9.47 -18.89
N GLU B 343 8.30 8.70 -19.94
CA GLU B 343 9.54 7.92 -19.93
C GLU B 343 10.77 8.84 -19.94
N SER B 344 10.70 9.94 -20.68
CA SER B 344 11.82 10.87 -20.72
C SER B 344 12.06 11.52 -19.37
N MET B 345 10.99 11.81 -18.63
CA MET B 345 11.14 12.45 -17.33
C MET B 345 11.52 11.44 -16.25
N LYS B 346 11.16 10.17 -16.42
CA LYS B 346 11.58 9.16 -15.46
C LYS B 346 13.10 8.95 -15.47
N PHE B 347 13.77 9.27 -16.58
CA PHE B 347 15.20 9.10 -16.70
C PHE B 347 15.94 10.43 -16.80
N GLY B 348 15.27 11.55 -16.52
CA GLY B 348 15.92 12.84 -16.49
C GLY B 348 16.48 13.31 -17.82
N VAL B 349 15.75 13.03 -18.90
CA VAL B 349 16.17 13.41 -20.26
C VAL B 349 15.40 14.65 -20.66
N PRO B 350 16.08 15.74 -21.05
CA PRO B 350 15.37 16.93 -21.52
C PRO B 350 14.60 16.64 -22.81
N VAL B 351 13.65 17.51 -23.12
CA VAL B 351 12.70 17.29 -24.21
C VAL B 351 12.77 18.46 -25.17
N ILE B 352 13.27 18.20 -26.38
CA ILE B 352 13.05 19.11 -27.51
C ILE B 352 11.66 18.84 -28.06
N ALA B 353 10.83 19.87 -28.10
CA ALA B 353 9.41 19.72 -28.40
C ALA B 353 9.18 20.04 -29.88
N MET B 354 8.89 19.00 -30.66
CA MET B 354 8.49 19.13 -32.06
C MET B 354 7.13 18.46 -32.23
N ALA B 355 6.11 19.02 -31.59
CA ALA B 355 4.76 18.49 -31.68
C ALA B 355 4.17 18.78 -33.07
N ARG B 356 2.95 18.28 -33.28
CA ARG B 356 2.32 18.42 -34.59
C ARG B 356 0.81 18.54 -34.47
N HIS B 357 0.12 17.41 -34.33
CA HIS B 357 -1.34 17.37 -34.28
C HIS B 357 -1.81 16.82 -32.94
N LEU B 358 -3.12 16.77 -32.78
CA LEU B 358 -3.80 16.23 -31.58
C LEU B 358 -3.36 17.04 -30.36
N ASP B 359 -3.32 16.40 -29.19
CA ASP B 359 -2.93 17.06 -27.95
C ASP B 359 -1.43 17.21 -27.79
N GLN B 360 -0.65 16.76 -28.76
CA GLN B 360 0.81 16.83 -28.65
C GLN B 360 1.34 18.24 -28.37
N PRO B 361 0.82 19.31 -28.97
CA PRO B 361 1.32 20.64 -28.59
C PRO B 361 1.08 20.97 -27.11
N LEU B 362 -0.12 20.71 -26.60
CA LEU B 362 -0.45 21.08 -25.23
C LEU B 362 0.50 20.43 -24.23
N ASN B 363 0.92 19.19 -24.49
CA ASN B 363 1.90 18.55 -23.63
C ASN B 363 3.25 19.23 -23.72
N GLY B 364 3.68 19.59 -24.93
CA GLY B 364 5.04 20.09 -25.12
C GLY B 364 5.34 21.32 -24.28
N LYS B 365 4.50 22.34 -24.40
CA LYS B 365 4.70 23.56 -23.61
C LYS B 365 4.72 23.26 -22.12
N LEU B 366 4.01 22.22 -21.69
CA LEU B 366 4.00 21.85 -20.27
C LEU B 366 5.41 21.60 -19.75
N ALA B 367 6.32 21.17 -20.61
CA ALA B 367 7.72 21.06 -20.21
C ALA B 367 8.36 22.44 -20.08
N ALA B 368 8.22 23.26 -21.13
CA ALA B 368 8.89 24.56 -21.13
C ALA B 368 8.41 25.46 -19.99
N GLU B 369 7.22 25.21 -19.45
CA GLU B 369 6.74 25.98 -18.31
C GLU B 369 7.50 25.60 -17.04
N VAL B 370 7.77 24.30 -16.85
CA VAL B 370 8.49 23.84 -15.66
C VAL B 370 9.99 23.80 -15.89
N GLY B 371 10.47 24.20 -17.07
CA GLY B 371 11.90 24.30 -17.29
C GLY B 371 12.64 22.99 -17.43
N VAL B 372 11.95 21.92 -17.85
CA VAL B 372 12.60 20.65 -18.08
C VAL B 372 12.81 20.35 -19.55
N GLY B 373 12.42 21.26 -20.43
CA GLY B 373 12.60 21.08 -21.86
C GLY B 373 12.44 22.41 -22.56
N MET B 374 12.50 22.36 -23.89
CA MET B 374 12.32 23.55 -24.69
C MET B 374 11.65 23.20 -26.01
N GLU B 375 10.86 24.13 -26.52
CA GLU B 375 10.12 23.93 -27.76
C GLU B 375 10.82 24.61 -28.92
N VAL B 376 10.34 24.32 -30.11
CA VAL B 376 10.93 24.85 -31.35
C VAL B 376 10.02 25.94 -31.89
N VAL B 377 10.62 26.93 -32.52
CA VAL B 377 9.88 28.05 -33.10
C VAL B 377 9.55 27.71 -34.54
N ARG B 378 8.27 27.56 -34.83
CA ARG B 378 7.81 27.15 -36.17
C ARG B 378 7.51 28.42 -36.97
N ASP B 379 8.57 28.98 -37.56
CA ASP B 379 8.40 30.18 -38.37
C ASP B 379 7.67 29.89 -39.67
N GLU B 380 7.75 28.66 -40.17
CA GLU B 380 7.02 28.26 -41.36
C GLU B 380 6.52 26.82 -41.23
N ASN B 381 7.38 25.95 -40.70
CA ASN B 381 7.02 24.55 -40.49
C ASN B 381 7.99 23.96 -39.46
N GLY B 382 8.04 22.64 -39.38
CA GLY B 382 8.94 21.97 -38.45
C GLY B 382 8.32 21.78 -37.08
N ARG B 386 16.76 22.97 -40.28
CA ARG B 386 16.30 24.05 -39.41
C ARG B 386 17.48 24.68 -38.67
N GLU B 387 17.76 25.94 -38.95
CA GLU B 387 18.92 26.62 -38.40
C GLU B 387 18.75 26.92 -36.91
N GLY B 388 17.80 27.80 -36.57
CA GLY B 388 17.64 28.21 -35.18
C GLY B 388 17.20 27.09 -34.27
N ILE B 389 16.46 26.12 -34.79
CA ILE B 389 16.04 25.00 -33.96
C ILE B 389 17.23 24.10 -33.63
N ALA B 390 18.17 23.95 -34.58
CA ALA B 390 19.43 23.32 -34.25
C ALA B 390 20.19 24.12 -33.20
N GLU B 391 20.07 25.45 -33.25
CA GLU B 391 20.69 26.28 -32.22
C GLU B 391 20.11 25.98 -30.85
N VAL B 392 18.79 25.83 -30.76
CA VAL B 392 18.21 25.53 -29.44
C VAL B 392 18.50 24.09 -29.03
N ILE B 393 18.68 23.18 -30.00
CA ILE B 393 19.13 21.83 -29.68
C ILE B 393 20.49 21.89 -29.01
N ARG B 394 21.41 22.69 -29.58
CA ARG B 394 22.70 22.89 -28.95
C ARG B 394 22.56 23.58 -27.60
N LYS B 395 21.61 24.52 -27.49
CA LYS B 395 21.38 25.22 -26.23
C LYS B 395 21.02 24.23 -25.12
N VAL B 396 20.19 23.25 -25.45
CA VAL B 396 19.75 22.28 -24.45
C VAL B 396 20.84 21.26 -24.17
N VAL B 397 21.47 20.72 -25.22
CA VAL B 397 22.35 19.57 -25.07
C VAL B 397 23.79 20.00 -24.75
N VAL B 398 24.38 20.83 -25.60
CA VAL B 398 25.80 21.12 -25.51
C VAL B 398 26.12 22.49 -24.93
N GLU B 399 25.18 23.44 -24.97
CA GLU B 399 25.47 24.79 -24.48
C GLU B 399 25.14 24.91 -23.00
N LYS B 400 25.72 25.93 -22.38
CA LYS B 400 25.60 26.13 -20.94
C LYS B 400 24.35 26.92 -20.54
N SER B 401 23.59 27.45 -21.50
CA SER B 401 22.36 28.12 -21.15
C SER B 401 21.29 27.13 -20.70
N GLY B 402 21.25 25.95 -21.31
CA GLY B 402 20.33 24.91 -20.90
C GLY B 402 20.68 24.21 -19.61
N GLU B 403 21.74 24.65 -18.93
CA GLU B 403 22.11 24.04 -17.65
C GLU B 403 20.94 24.07 -16.67
N VAL B 404 20.23 25.20 -16.61
CA VAL B 404 18.98 25.26 -15.85
C VAL B 404 18.07 24.12 -16.28
N ILE B 405 17.72 24.10 -17.57
CA ILE B 405 16.91 23.01 -18.14
C ILE B 405 17.54 21.66 -17.80
N ARG B 406 18.86 21.60 -17.74
CA ARG B 406 19.52 20.35 -17.39
C ARG B 406 19.44 20.06 -15.89
N ARG B 407 19.65 21.07 -15.05
CA ARG B 407 19.78 20.83 -13.62
C ARG B 407 18.49 20.26 -13.05
N LYS B 408 17.38 21.00 -13.19
CA LYS B 408 16.08 20.48 -12.80
C LYS B 408 15.81 19.12 -13.44
N ALA B 409 16.36 18.89 -14.65
CA ALA B 409 16.17 17.63 -15.34
C ALA B 409 16.54 16.44 -14.45
N ARG B 410 17.57 16.59 -13.62
CA ARG B 410 17.85 15.54 -12.66
C ARG B 410 17.15 15.79 -11.33
N GLU B 411 17.02 17.05 -10.92
CA GLU B 411 16.39 17.37 -9.64
C GLU B 411 14.97 16.82 -9.59
N LEU B 412 14.22 16.98 -10.68
CA LEU B 412 12.91 16.36 -10.75
C LEU B 412 13.02 14.84 -10.83
N SER B 413 13.98 14.35 -11.64
CA SER B 413 14.11 12.91 -11.87
C SER B 413 14.23 12.14 -10.56
N GLU B 414 15.25 12.48 -9.77
CA GLU B 414 15.40 11.90 -8.43
C GLU B 414 14.07 11.89 -7.68
N LYS B 415 13.39 13.05 -7.66
CA LYS B 415 12.12 13.16 -6.95
C LYS B 415 11.18 12.03 -7.34
N MET B 416 11.03 11.77 -8.64
CA MET B 416 10.21 10.66 -9.09
C MET B 416 10.73 9.35 -8.51
N LYS B 417 11.99 9.03 -8.78
CA LYS B 417 12.60 7.81 -8.23
C LYS B 417 12.60 7.81 -6.71
N GLU B 418 12.27 8.93 -6.08
CA GLU B 418 12.16 9.01 -4.63
C GLU B 418 10.74 8.80 -4.13
N LYS B 419 9.74 9.24 -4.89
CA LYS B 419 8.36 9.19 -4.43
C LYS B 419 7.55 8.10 -5.09
N GLY B 420 8.19 7.24 -5.89
CA GLY B 420 7.49 6.13 -6.50
C GLY B 420 6.97 5.13 -5.49
N GLU B 421 6.32 4.07 -5.99
CA GLU B 421 5.75 3.02 -5.14
C GLU B 421 4.66 3.56 -4.22
N GLN B 422 4.98 4.55 -3.39
CA GLN B 422 4.01 5.06 -2.44
C GLN B 422 2.88 5.81 -3.14
N GLU B 423 3.16 6.43 -4.29
CA GLU B 423 2.08 6.93 -5.14
C GLU B 423 1.05 5.84 -5.42
N ILE B 424 1.54 4.72 -5.97
CA ILE B 424 0.66 3.61 -6.31
C ILE B 424 0.10 2.96 -5.05
N ASP B 425 0.83 3.01 -3.94
CA ASP B 425 0.31 2.47 -2.68
C ASP B 425 -0.92 3.26 -2.23
N ARG B 426 -0.80 4.58 -2.14
CA ARG B 426 -1.94 5.38 -1.61
C ARG B 426 -3.10 5.21 -2.59
N ALA B 427 -2.78 5.06 -3.88
CA ALA B 427 -3.82 4.88 -4.90
C ALA B 427 -4.57 3.56 -4.63
N VAL B 428 -3.81 2.52 -4.29
CA VAL B 428 -4.44 1.20 -4.01
C VAL B 428 -5.36 1.39 -2.82
N GLU B 429 -4.90 2.15 -1.82
CA GLU B 429 -5.70 2.37 -0.60
C GLU B 429 -7.01 3.08 -0.96
N GLU B 430 -6.94 4.11 -1.80
CA GLU B 430 -8.16 4.86 -2.18
C GLU B 430 -9.11 3.93 -2.93
N LEU B 431 -8.56 3.09 -3.81
CA LEU B 431 -9.41 2.18 -4.61
C LEU B 431 -10.11 1.21 -3.65
N VAL B 432 -9.37 0.70 -2.67
CA VAL B 432 -9.94 -0.27 -1.71
C VAL B 432 -11.06 0.43 -0.94
N GLN B 433 -10.82 1.68 -0.56
CA GLN B 433 -11.84 2.43 0.22
C GLN B 433 -13.10 2.54 -0.63
N ILE B 434 -12.93 2.89 -1.91
CA ILE B 434 -14.13 3.09 -2.78
C ILE B 434 -14.86 1.75 -2.90
N CYS B 435 -14.12 0.66 -3.09
CA CYS B 435 -14.76 -0.67 -3.30
C CYS B 435 -15.54 -1.05 -2.05
N LYS B 436 -14.95 -0.84 -0.86
CA LYS B 436 -15.62 -1.21 0.41
C LYS B 436 -16.86 -0.35 0.62
N LYS B 437 -16.79 0.93 0.26
CA LYS B 437 -17.96 1.83 0.42
C LYS B 437 -19.07 1.30 -0.49
N LYS B 438 -18.71 0.87 -1.70
CA LYS B 438 -19.73 0.29 -2.62
C LYS B 438 -20.30 -0.99 -2.03
N LYS B 439 -19.47 -1.84 -1.43
CA LYS B 439 -19.93 -3.13 -0.87
C LYS B 439 -20.88 -2.87 0.29
#